data_2YW8
# 
_entry.id   2YW8 
# 
_audit_conform.dict_name       mmcif_pdbx.dic 
_audit_conform.dict_version    5.380 
_audit_conform.dict_location   http://mmcif.pdb.org/dictionaries/ascii/mmcif_pdbx.dic 
# 
loop_
_database_2.database_id 
_database_2.database_code 
_database_2.pdbx_database_accession 
_database_2.pdbx_DOI 
PDB   2YW8         pdb_00002yw8 10.2210/pdb2yw8/pdb 
RCSB  RCSB027212   ?            ?                   
WWPDB D_1000027212 ?            ?                   
# 
_pdbx_database_related.db_name        TargetDB 
_pdbx_database_related.db_id          hsg002000371.1 
_pdbx_database_related.details        . 
_pdbx_database_related.content_type   unspecified 
# 
_pdbx_database_status.status_code                     REL 
_pdbx_database_status.entry_id                        2YW8 
_pdbx_database_status.recvd_initial_deposition_date   2007-04-20 
_pdbx_database_status.deposit_site                    PDBJ 
_pdbx_database_status.process_site                    PDBJ 
_pdbx_database_status.status_code_sf                  REL 
_pdbx_database_status.status_code_mr                  ? 
_pdbx_database_status.SG_entry                        Y 
_pdbx_database_status.pdb_format_compatible           Y 
_pdbx_database_status.status_code_cs                  ? 
_pdbx_database_status.status_code_nmr_data            ? 
_pdbx_database_status.methods_development_category    ? 
# 
loop_
_audit_author.name 
_audit_author.pdbx_ordinal 
'Wang, H.'                                               1 
'Kishishita, S.'                                         2 
'Murayama, K.'                                           3 
'Takemoto, C.'                                           4 
'Terada, T.'                                             5 
'Shirouzu, M.'                                           6 
'RIKEN Structural Genomics/Proteomics Initiative (RSGI)' 7 
# 
_citation.id                        primary 
_citation.title                     'Crystal structure of human RUN and FYVE domain-containing protein' 
_citation.journal_abbrev            'To be Published' 
_citation.journal_volume            ? 
_citation.page_first                ? 
_citation.page_last                 ? 
_citation.year                      ? 
_citation.journal_id_ASTM           ? 
_citation.country                   ? 
_citation.journal_id_ISSN           ? 
_citation.journal_id_CSD            0353 
_citation.book_publisher            ? 
_citation.pdbx_database_id_PubMed   ? 
_citation.pdbx_database_id_DOI      ? 
# 
loop_
_citation_author.citation_id 
_citation_author.name 
_citation_author.ordinal 
_citation_author.identifier_ORCID 
primary 'Wang, H.'       1  ? 
primary 'Kishishita, S.' 2  ? 
primary 'Murayama, T.'   3  ? 
primary 'Takemoto, C.'   4  ? 
primary 'Terada, T.'     5  ? 
primary 'Chen, L.'       6  ? 
primary 'Fu, Z.Q.'       7  ? 
primary 'Chrzas, J.'     8  ? 
primary 'Wang, B.C.'     9  ? 
primary 'Shirouzu, M.'   10 ? 
primary 'Yokoyama, S.'   11 ? 
# 
_cell.entry_id           2YW8 
_cell.length_a           115.150 
_cell.length_b           115.150 
_cell.length_c           115.150 
_cell.angle_alpha        90.00 
_cell.angle_beta         90.00 
_cell.angle_gamma        90.00 
_cell.Z_PDB              24 
_cell.pdbx_unique_axis   ? 
_cell.length_a_esd       ? 
_cell.length_b_esd       ? 
_cell.length_c_esd       ? 
_cell.angle_alpha_esd    ? 
_cell.angle_beta_esd     ? 
_cell.angle_gamma_esd    ? 
# 
_symmetry.entry_id                         2YW8 
_symmetry.space_group_name_H-M             'P 43 3 2' 
_symmetry.pdbx_full_space_group_name_H-M   ? 
_symmetry.cell_setting                     ? 
_symmetry.Int_Tables_number                212 
_symmetry.space_group_name_Hall            ? 
# 
loop_
_entity.id 
_entity.type 
_entity.src_method 
_entity.pdbx_description 
_entity.formula_weight 
_entity.pdbx_number_of_molecules 
_entity.pdbx_ec 
_entity.pdbx_mutation 
_entity.pdbx_fragment 
_entity.details 
1 polymer     man 'RUN and FYVE domain-containing protein 1' 9346.705 1  ? ? 'UNP residues 627-708' ? 
2 non-polymer syn 'ZINC ION'                                 65.409   2  ? ? ?                      ? 
3 non-polymer syn 'SULFATE ION'                              96.063   1  ? ? ?                      ? 
4 water       nat water                                      18.015   34 ? ? ?                      ? 
# 
_entity_name_com.entity_id   1 
_entity_name_com.name        
;FYVE-finger protein EIP1, Zinc finger FYVE domain-containing protein 12, La-binding protein 1, Rab4-interacting protein, MS1309 protein
;
# 
_entity_poly.entity_id                      1 
_entity_poly.type                           'polypeptide(L)' 
_entity_poly.nstd_linkage                   no 
_entity_poly.nstd_monomer                   no 
_entity_poly.pdbx_seq_one_letter_code       
;IKEVNQALKGHAWLKDDEATHCRQCEKEFSISRRKHHCRNCGHIFCNTCSSNELALPSYPKPVRVCDSCHTLLLQRCSST
AS
;
_entity_poly.pdbx_seq_one_letter_code_can   
;IKEVNQALKGHAWLKDDEATHCRQCEKEFSISRRKHHCRNCGHIFCNTCSSNELALPSYPKPVRVCDSCHTLLLQRCSST
AS
;
_entity_poly.pdbx_strand_id                 A 
_entity_poly.pdbx_target_identifier         hsg002000371.1 
# 
loop_
_entity_poly_seq.entity_id 
_entity_poly_seq.num 
_entity_poly_seq.mon_id 
_entity_poly_seq.hetero 
1 1  ILE n 
1 2  LYS n 
1 3  GLU n 
1 4  VAL n 
1 5  ASN n 
1 6  GLN n 
1 7  ALA n 
1 8  LEU n 
1 9  LYS n 
1 10 GLY n 
1 11 HIS n 
1 12 ALA n 
1 13 TRP n 
1 14 LEU n 
1 15 LYS n 
1 16 ASP n 
1 17 ASP n 
1 18 GLU n 
1 19 ALA n 
1 20 THR n 
1 21 HIS n 
1 22 CYS n 
1 23 ARG n 
1 24 GLN n 
1 25 CYS n 
1 26 GLU n 
1 27 LYS n 
1 28 GLU n 
1 29 PHE n 
1 30 SER n 
1 31 ILE n 
1 32 SER n 
1 33 ARG n 
1 34 ARG n 
1 35 LYS n 
1 36 HIS n 
1 37 HIS n 
1 38 CYS n 
1 39 ARG n 
1 40 ASN n 
1 41 CYS n 
1 42 GLY n 
1 43 HIS n 
1 44 ILE n 
1 45 PHE n 
1 46 CYS n 
1 47 ASN n 
1 48 THR n 
1 49 CYS n 
1 50 SER n 
1 51 SER n 
1 52 ASN n 
1 53 GLU n 
1 54 LEU n 
1 55 ALA n 
1 56 LEU n 
1 57 PRO n 
1 58 SER n 
1 59 TYR n 
1 60 PRO n 
1 61 LYS n 
1 62 PRO n 
1 63 VAL n 
1 64 ARG n 
1 65 VAL n 
1 66 CYS n 
1 67 ASP n 
1 68 SER n 
1 69 CYS n 
1 70 HIS n 
1 71 THR n 
1 72 LEU n 
1 73 LEU n 
1 74 LEU n 
1 75 GLN n 
1 76 ARG n 
1 77 CYS n 
1 78 SER n 
1 79 SER n 
1 80 THR n 
1 81 ALA n 
1 82 SER n 
# 
_entity_src_gen.entity_id                          1 
_entity_src_gen.pdbx_src_id                        1 
_entity_src_gen.pdbx_alt_source_flag               sample 
_entity_src_gen.pdbx_seq_type                      ? 
_entity_src_gen.pdbx_beg_seq_num                   ? 
_entity_src_gen.pdbx_end_seq_num                   ? 
_entity_src_gen.gene_src_common_name               human 
_entity_src_gen.gene_src_genus                     Homo 
_entity_src_gen.pdbx_gene_src_gene                 'RUFY1, RABIP4, ZFYVE12' 
_entity_src_gen.gene_src_species                   ? 
_entity_src_gen.gene_src_strain                    ? 
_entity_src_gen.gene_src_tissue                    ? 
_entity_src_gen.gene_src_tissue_fraction           ? 
_entity_src_gen.gene_src_details                   ? 
_entity_src_gen.pdbx_gene_src_fragment             ? 
_entity_src_gen.pdbx_gene_src_scientific_name      'Homo sapiens' 
_entity_src_gen.pdbx_gene_src_ncbi_taxonomy_id     9606 
_entity_src_gen.pdbx_gene_src_variant              ? 
_entity_src_gen.pdbx_gene_src_cell_line            ? 
_entity_src_gen.pdbx_gene_src_atcc                 ? 
_entity_src_gen.pdbx_gene_src_organ                ? 
_entity_src_gen.pdbx_gene_src_organelle            ? 
_entity_src_gen.pdbx_gene_src_cell                 ? 
_entity_src_gen.pdbx_gene_src_cellular_location    ? 
_entity_src_gen.host_org_common_name               ? 
_entity_src_gen.pdbx_host_org_scientific_name      ? 
_entity_src_gen.pdbx_host_org_ncbi_taxonomy_id     ? 
_entity_src_gen.host_org_genus                     ? 
_entity_src_gen.pdbx_host_org_gene                 ? 
_entity_src_gen.pdbx_host_org_organ                ? 
_entity_src_gen.host_org_species                   ? 
_entity_src_gen.pdbx_host_org_tissue               ? 
_entity_src_gen.pdbx_host_org_tissue_fraction      ? 
_entity_src_gen.pdbx_host_org_strain               ? 
_entity_src_gen.pdbx_host_org_variant              ? 
_entity_src_gen.pdbx_host_org_cell_line            ? 
_entity_src_gen.pdbx_host_org_atcc                 ? 
_entity_src_gen.pdbx_host_org_culture_collection   ? 
_entity_src_gen.pdbx_host_org_cell                 ? 
_entity_src_gen.pdbx_host_org_organelle            ? 
_entity_src_gen.pdbx_host_org_cellular_location    ? 
_entity_src_gen.pdbx_host_org_vector_type          PLASMID 
_entity_src_gen.pdbx_host_org_vector               ? 
_entity_src_gen.host_org_details                   ? 
_entity_src_gen.expression_system_id               ? 
_entity_src_gen.plasmid_name                       PK060327-08 
_entity_src_gen.plasmid_details                    ? 
_entity_src_gen.pdbx_description                   'cell-free protein synthesis' 
# 
_struct_ref.id                         1 
_struct_ref.db_name                    UNP 
_struct_ref.db_code                    RUFY1_HUMAN 
_struct_ref.pdbx_db_accession          Q96T51 
_struct_ref.entity_id                  1 
_struct_ref.pdbx_seq_one_letter_code   
;IKEVNQALKGHAWLKDDEATHCRQCEKEFSISRRKHHCRNCGHIFCNTCSSNELALPSYPKPVRVCDSCHTLLLQRCSST
AS
;
_struct_ref.pdbx_align_begin           627 
_struct_ref.pdbx_db_isoform            ? 
# 
_struct_ref_seq.align_id                      1 
_struct_ref_seq.ref_id                        1 
_struct_ref_seq.pdbx_PDB_id_code              2YW8 
_struct_ref_seq.pdbx_strand_id                A 
_struct_ref_seq.seq_align_beg                 1 
_struct_ref_seq.pdbx_seq_align_beg_ins_code   ? 
_struct_ref_seq.seq_align_end                 82 
_struct_ref_seq.pdbx_seq_align_end_ins_code   ? 
_struct_ref_seq.pdbx_db_accession             Q96T51 
_struct_ref_seq.db_align_beg                  627 
_struct_ref_seq.pdbx_db_align_beg_ins_code    ? 
_struct_ref_seq.db_align_end                  708 
_struct_ref_seq.pdbx_db_align_end_ins_code    ? 
_struct_ref_seq.pdbx_auth_seq_align_beg       1 
_struct_ref_seq.pdbx_auth_seq_align_end       82 
# 
loop_
_chem_comp.id 
_chem_comp.type 
_chem_comp.mon_nstd_flag 
_chem_comp.name 
_chem_comp.pdbx_synonyms 
_chem_comp.formula 
_chem_comp.formula_weight 
ALA 'L-peptide linking' y ALANINE         ? 'C3 H7 N O2'     89.093  
ARG 'L-peptide linking' y ARGININE        ? 'C6 H15 N4 O2 1' 175.209 
ASN 'L-peptide linking' y ASPARAGINE      ? 'C4 H8 N2 O3'    132.118 
ASP 'L-peptide linking' y 'ASPARTIC ACID' ? 'C4 H7 N O4'     133.103 
CYS 'L-peptide linking' y CYSTEINE        ? 'C3 H7 N O2 S'   121.158 
GLN 'L-peptide linking' y GLUTAMINE       ? 'C5 H10 N2 O3'   146.144 
GLU 'L-peptide linking' y 'GLUTAMIC ACID' ? 'C5 H9 N O4'     147.129 
GLY 'peptide linking'   y GLYCINE         ? 'C2 H5 N O2'     75.067  
HIS 'L-peptide linking' y HISTIDINE       ? 'C6 H10 N3 O2 1' 156.162 
HOH non-polymer         . WATER           ? 'H2 O'           18.015  
ILE 'L-peptide linking' y ISOLEUCINE      ? 'C6 H13 N O2'    131.173 
LEU 'L-peptide linking' y LEUCINE         ? 'C6 H13 N O2'    131.173 
LYS 'L-peptide linking' y LYSINE          ? 'C6 H15 N2 O2 1' 147.195 
PHE 'L-peptide linking' y PHENYLALANINE   ? 'C9 H11 N O2'    165.189 
PRO 'L-peptide linking' y PROLINE         ? 'C5 H9 N O2'     115.130 
SER 'L-peptide linking' y SERINE          ? 'C3 H7 N O3'     105.093 
SO4 non-polymer         . 'SULFATE ION'   ? 'O4 S -2'        96.063  
THR 'L-peptide linking' y THREONINE       ? 'C4 H9 N O3'     119.119 
TRP 'L-peptide linking' y TRYPTOPHAN      ? 'C11 H12 N2 O2'  204.225 
TYR 'L-peptide linking' y TYROSINE        ? 'C9 H11 N O3'    181.189 
VAL 'L-peptide linking' y VALINE          ? 'C5 H11 N O2'    117.146 
ZN  non-polymer         . 'ZINC ION'      ? 'Zn 2'           65.409  
# 
_exptl.entry_id          2YW8 
_exptl.method            'X-RAY DIFFRACTION' 
_exptl.crystals_number   1 
# 
_exptl_crystal.id                    1 
_exptl_crystal.density_meas          ? 
_exptl_crystal.density_Matthews      6.80 
_exptl_crystal.density_percent_sol   81.92 
_exptl_crystal.description           ? 
_exptl_crystal.F_000                 ? 
_exptl_crystal.preparation           ? 
# 
_exptl_crystal_grow.crystal_id      1 
_exptl_crystal_grow.method          'VAPOR DIFFUSION, HANGING DROP' 
_exptl_crystal_grow.temp            293 
_exptl_crystal_grow.temp_details    ? 
_exptl_crystal_grow.pH              6.5 
_exptl_crystal_grow.pdbx_details    'Bis-tris, Ammonium sulfate, pH6.5, VAPOR DIFFUSION, HANGING DROP, temperature 293K' 
_exptl_crystal_grow.pdbx_pH_range   . 
# 
_diffrn.id                     1 
_diffrn.ambient_temp           100 
_diffrn.ambient_temp_details   ? 
_diffrn.crystal_id             1 
# 
_diffrn_detector.diffrn_id              1 
_diffrn_detector.detector               CCD 
_diffrn_detector.type                   'MARMOSAIC 300 mm CCD' 
_diffrn_detector.pdbx_collection_date   2007-02-05 
_diffrn_detector.details                ? 
# 
_diffrn_radiation.diffrn_id                        1 
_diffrn_radiation.wavelength_id                    1 
_diffrn_radiation.pdbx_monochromatic_or_laue_m_l   M 
_diffrn_radiation.monochromator                    ? 
_diffrn_radiation.pdbx_diffrn_protocol             'SINGLE WAVELENGTH' 
_diffrn_radiation.pdbx_scattering_type             x-ray 
# 
_diffrn_radiation_wavelength.id           1 
_diffrn_radiation_wavelength.wavelength   1.2752 
_diffrn_radiation_wavelength.wt           1.0 
# 
_diffrn_source.diffrn_id                   1 
_diffrn_source.source                      SYNCHROTRON 
_diffrn_source.type                        'APS BEAMLINE 22-ID' 
_diffrn_source.pdbx_synchrotron_site       APS 
_diffrn_source.pdbx_synchrotron_beamline   22-ID 
_diffrn_source.pdbx_wavelength             ? 
_diffrn_source.pdbx_wavelength_list        1.2752 
# 
_reflns.entry_id                     2YW8 
_reflns.observed_criterion_sigma_I   -3 
_reflns.observed_criterion_sigma_F   ? 
_reflns.d_resolution_low             50 
_reflns.d_resolution_high            3.0 
_reflns.number_obs                   5650 
_reflns.number_all                   ? 
_reflns.percent_possible_obs         100 
_reflns.pdbx_Rmerge_I_obs            ? 
_reflns.pdbx_Rsym_value              0.153 
_reflns.pdbx_netI_over_sigmaI        30.2 
_reflns.B_iso_Wilson_estimate        ? 
_reflns.pdbx_redundancy              40.9 
_reflns.R_free_details               ? 
_reflns.limit_h_max                  ? 
_reflns.limit_h_min                  ? 
_reflns.limit_k_max                  ? 
_reflns.limit_k_min                  ? 
_reflns.limit_l_max                  ? 
_reflns.limit_l_min                  ? 
_reflns.observed_criterion_F_max     ? 
_reflns.observed_criterion_F_min     ? 
_reflns.pdbx_chi_squared             ? 
_reflns.pdbx_scaling_rejects         ? 
_reflns.pdbx_diffrn_id               1 
_reflns.pdbx_ordinal                 1 
# 
_reflns_shell.d_res_high             3.00 
_reflns_shell.d_res_low              3.11 
_reflns_shell.percent_possible_all   100 
_reflns_shell.Rmerge_I_obs           ? 
_reflns_shell.pdbx_Rsym_value        0.414 
_reflns_shell.meanI_over_sigI_obs    12.5 
_reflns_shell.pdbx_redundancy        42.5 
_reflns_shell.percent_possible_obs   ? 
_reflns_shell.number_unique_all      544 
_reflns_shell.number_measured_all    ? 
_reflns_shell.number_measured_obs    ? 
_reflns_shell.number_unique_obs      ? 
_reflns_shell.pdbx_chi_squared       ? 
_reflns_shell.pdbx_diffrn_id         ? 
_reflns_shell.pdbx_ordinal           1 
# 
_refine.entry_id                                 2YW8 
_refine.ls_number_reflns_obs                     5593 
_refine.ls_number_reflns_all                     ? 
_refine.pdbx_ls_sigma_I                          ? 
_refine.pdbx_ls_sigma_F                          0.0 
_refine.pdbx_data_cutoff_high_absF               44214.21 
_refine.pdbx_data_cutoff_low_absF                0.000000 
_refine.pdbx_data_cutoff_high_rms_absF           ? 
_refine.ls_d_res_low                             47.01 
_refine.ls_d_res_high                            3.00 
_refine.ls_percent_reflns_obs                    99.3 
_refine.ls_R_factor_obs                          0.198 
_refine.ls_R_factor_all                          ? 
_refine.ls_R_factor_R_work                       0.198 
_refine.ls_R_factor_R_free                       0.224 
_refine.ls_R_factor_R_free_error                 0.013 
_refine.ls_R_factor_R_free_error_details         ? 
_refine.ls_percent_reflns_R_free                 5.6 
_refine.ls_number_reflns_R_free                  314 
_refine.ls_number_parameters                     ? 
_refine.ls_number_restraints                     ? 
_refine.occupancy_min                            ? 
_refine.occupancy_max                            ? 
_refine.correlation_coeff_Fo_to_Fc               ? 
_refine.correlation_coeff_Fo_to_Fc_free          ? 
_refine.B_iso_mean                               50.1 
_refine.aniso_B[1][1]                            0.00 
_refine.aniso_B[2][2]                            0.00 
_refine.aniso_B[3][3]                            0.00 
_refine.aniso_B[1][2]                            0.00 
_refine.aniso_B[1][3]                            0.00 
_refine.aniso_B[2][3]                            0.00 
_refine.solvent_model_details                    'FLAT MODEL' 
_refine.solvent_model_param_ksol                 0.356852 
_refine.solvent_model_param_bsol                 31.5452 
_refine.pdbx_solvent_vdw_probe_radii             ? 
_refine.pdbx_solvent_ion_probe_radii             ? 
_refine.pdbx_solvent_shrinkage_radii             ? 
_refine.pdbx_ls_cross_valid_method               THROUGHOUT 
_refine.details                                  ? 
_refine.pdbx_starting_model                      'PDB ENTRY 1VFY' 
_refine.pdbx_method_to_determine_struct          'MOLECULAR REPLACEMENT' 
_refine.pdbx_isotropic_thermal_model             RESTRAINED 
_refine.pdbx_stereochemistry_target_values       ? 
_refine.pdbx_stereochem_target_val_spec_case     ? 
_refine.pdbx_R_Free_selection_details            RANDOM 
_refine.pdbx_overall_ESU_R                       ? 
_refine.pdbx_overall_ESU_R_Free                  ? 
_refine.overall_SU_ML                            ? 
_refine.overall_SU_B                             ? 
_refine.ls_redundancy_reflns_obs                 ? 
_refine.B_iso_min                                ? 
_refine.B_iso_max                                ? 
_refine.overall_SU_R_Cruickshank_DPI             ? 
_refine.overall_SU_R_free                        ? 
_refine.ls_wR_factor_R_free                      ? 
_refine.ls_wR_factor_R_work                      ? 
_refine.overall_FOM_free_R_set                   ? 
_refine.overall_FOM_work_R_set                   ? 
_refine.pdbx_overall_phase_error                 ? 
_refine.pdbx_refine_id                           'X-RAY DIFFRACTION' 
_refine.pdbx_diffrn_id                           1 
_refine.pdbx_TLS_residual_ADP_flag               ? 
_refine.pdbx_overall_SU_R_free_Cruickshank_DPI   ? 
_refine.pdbx_overall_SU_R_Blow_DPI               ? 
_refine.pdbx_overall_SU_R_free_Blow_DPI          ? 
# 
_refine_analyze.entry_id                        2YW8 
_refine_analyze.Luzzati_coordinate_error_obs    0.30 
_refine_analyze.Luzzati_sigma_a_obs             0.33 
_refine_analyze.Luzzati_d_res_low_obs           5.00 
_refine_analyze.Luzzati_coordinate_error_free   0.35 
_refine_analyze.Luzzati_sigma_a_free            0.33 
_refine_analyze.Luzzati_d_res_low_free          ? 
_refine_analyze.number_disordered_residues      ? 
_refine_analyze.occupancy_sum_hydrogen          ? 
_refine_analyze.occupancy_sum_non_hydrogen      ? 
_refine_analyze.pdbx_Luzzati_d_res_high_obs     ? 
_refine_analyze.pdbx_refine_id                  'X-RAY DIFFRACTION' 
# 
_refine_hist.pdbx_refine_id                   'X-RAY DIFFRACTION' 
_refine_hist.cycle_id                         LAST 
_refine_hist.pdbx_number_atoms_protein        487 
_refine_hist.pdbx_number_atoms_nucleic_acid   0 
_refine_hist.pdbx_number_atoms_ligand         7 
_refine_hist.number_atoms_solvent             34 
_refine_hist.number_atoms_total               528 
_refine_hist.d_res_high                       3.00 
_refine_hist.d_res_low                        47.01 
# 
loop_
_refine_ls_restr.type 
_refine_ls_restr.dev_ideal 
_refine_ls_restr.dev_ideal_target 
_refine_ls_restr.weight 
_refine_ls_restr.number 
_refine_ls_restr.pdbx_refine_id 
_refine_ls_restr.pdbx_restraint_function 
c_bond_d           0.011 ? ? ? 'X-RAY DIFFRACTION' ? 
c_angle_deg        1.8   ? ? ? 'X-RAY DIFFRACTION' ? 
c_dihedral_angle_d 25.1  ? ? ? 'X-RAY DIFFRACTION' ? 
c_improper_angle_d 0.97  ? ? ? 'X-RAY DIFFRACTION' ? 
# 
_refine_ls_shell.pdbx_total_number_of_bins_used   6 
_refine_ls_shell.d_res_high                       3.00 
_refine_ls_shell.d_res_low                        3.19 
_refine_ls_shell.number_reflns_R_work             832 
_refine_ls_shell.R_factor_R_work                  0.26 
_refine_ls_shell.percent_reflns_obs               97.6 
_refine_ls_shell.R_factor_R_free                  0.308 
_refine_ls_shell.R_factor_R_free_error            0.042 
_refine_ls_shell.percent_reflns_R_free            6.0 
_refine_ls_shell.number_reflns_R_free             53 
_refine_ls_shell.number_reflns_all                ? 
_refine_ls_shell.R_factor_all                     ? 
_refine_ls_shell.number_reflns_obs                ? 
_refine_ls_shell.redundancy_reflns_obs            ? 
_refine_ls_shell.pdbx_refine_id                   'X-RAY DIFFRACTION' 
# 
loop_
_pdbx_xplor_file.serial_no 
_pdbx_xplor_file.param_file 
_pdbx_xplor_file.topol_file 
_pdbx_xplor_file.pdbx_refine_id 
1 protein_rep.param protein.top 'X-RAY DIFFRACTION' 
2 water_rep.param   ?           'X-RAY DIFFRACTION' 
3 ion.param         ?           'X-RAY DIFFRACTION' 
# 
_struct.entry_id                  2YW8 
_struct.title                     'Crystal structure of human RUN and FYVE domain-containing protein' 
_struct.pdbx_model_details        ? 
_struct.pdbx_CASP_flag            ? 
_struct.pdbx_model_type_details   ? 
# 
_struct_keywords.entry_id        2YW8 
_struct_keywords.pdbx_keywords   'METAL BINDING PROTEIN' 
_struct_keywords.text            
;STRUCTURE GENOMICS, FYVE domain, Structural Genomics, NPPSFA, National Project on Protein Structural and Functional Analyses, RIKEN Structural Genomics/Proteomics Initiative, RSGI, METAL BINDING PROTEIN
;
# 
loop_
_struct_asym.id 
_struct_asym.pdbx_blank_PDB_chainid_flag 
_struct_asym.pdbx_modified 
_struct_asym.entity_id 
_struct_asym.details 
A N N 1 ? 
B N N 2 ? 
C N N 2 ? 
D N N 3 ? 
E N N 4 ? 
# 
_struct_biol.id        1 
_struct_biol.details   ? 
# 
loop_
_struct_conf.conf_type_id 
_struct_conf.id 
_struct_conf.pdbx_PDB_helix_id 
_struct_conf.beg_label_comp_id 
_struct_conf.beg_label_asym_id 
_struct_conf.beg_label_seq_id 
_struct_conf.pdbx_beg_PDB_ins_code 
_struct_conf.end_label_comp_id 
_struct_conf.end_label_asym_id 
_struct_conf.end_label_seq_id 
_struct_conf.pdbx_end_PDB_ins_code 
_struct_conf.beg_auth_comp_id 
_struct_conf.beg_auth_asym_id 
_struct_conf.beg_auth_seq_id 
_struct_conf.end_auth_comp_id 
_struct_conf.end_auth_asym_id 
_struct_conf.end_auth_seq_id 
_struct_conf.pdbx_PDB_helix_class 
_struct_conf.details 
_struct_conf.pdbx_PDB_helix_length 
HELX_P HELX_P1 1 ASN A 47 ? SER A 51 ? ASN A 47 SER A 51 5 ? 5 
HELX_P HELX_P2 2 CYS A 66 ? LEU A 73 ? CYS A 66 LEU A 73 1 ? 8 
# 
_struct_conf_type.id          HELX_P 
_struct_conf_type.criteria    ? 
_struct_conf_type.reference   ? 
# 
loop_
_struct_conn.id 
_struct_conn.conn_type_id 
_struct_conn.pdbx_leaving_atom_flag 
_struct_conn.pdbx_PDB_id 
_struct_conn.ptnr1_label_asym_id 
_struct_conn.ptnr1_label_comp_id 
_struct_conn.ptnr1_label_seq_id 
_struct_conn.ptnr1_label_atom_id 
_struct_conn.pdbx_ptnr1_label_alt_id 
_struct_conn.pdbx_ptnr1_PDB_ins_code 
_struct_conn.pdbx_ptnr1_standard_comp_id 
_struct_conn.ptnr1_symmetry 
_struct_conn.ptnr2_label_asym_id 
_struct_conn.ptnr2_label_comp_id 
_struct_conn.ptnr2_label_seq_id 
_struct_conn.ptnr2_label_atom_id 
_struct_conn.pdbx_ptnr2_label_alt_id 
_struct_conn.pdbx_ptnr2_PDB_ins_code 
_struct_conn.ptnr1_auth_asym_id 
_struct_conn.ptnr1_auth_comp_id 
_struct_conn.ptnr1_auth_seq_id 
_struct_conn.ptnr2_auth_asym_id 
_struct_conn.ptnr2_auth_comp_id 
_struct_conn.ptnr2_auth_seq_id 
_struct_conn.ptnr2_symmetry 
_struct_conn.pdbx_ptnr3_label_atom_id 
_struct_conn.pdbx_ptnr3_label_seq_id 
_struct_conn.pdbx_ptnr3_label_comp_id 
_struct_conn.pdbx_ptnr3_label_asym_id 
_struct_conn.pdbx_ptnr3_label_alt_id 
_struct_conn.pdbx_ptnr3_PDB_ins_code 
_struct_conn.details 
_struct_conn.pdbx_dist_value 
_struct_conn.pdbx_value_order 
_struct_conn.pdbx_role 
metalc1 metalc ? ? A CYS 22 SG ? ? ? 1_555 C ZN . ZN ? ? A CYS 22 A ZN 301 1_555 ? ? ? ? ? ? ? 2.366 ? ? 
metalc2 metalc ? ? A CYS 25 SG ? ? ? 1_555 C ZN . ZN ? ? A CYS 25 A ZN 301 1_555 ? ? ? ? ? ? ? 2.449 ? ? 
metalc3 metalc ? ? A CYS 38 SG ? ? ? 1_555 B ZN . ZN ? ? A CYS 38 A ZN 300 1_555 ? ? ? ? ? ? ? 2.490 ? ? 
metalc4 metalc ? ? A CYS 41 SG ? ? ? 1_555 B ZN . ZN ? ? A CYS 41 A ZN 300 1_555 ? ? ? ? ? ? ? 2.326 ? ? 
metalc5 metalc ? ? A CYS 46 SG ? ? ? 1_555 C ZN . ZN ? ? A CYS 46 A ZN 301 1_555 ? ? ? ? ? ? ? 2.431 ? ? 
metalc6 metalc ? ? A CYS 49 SG ? ? ? 1_555 C ZN . ZN ? ? A CYS 49 A ZN 301 1_555 ? ? ? ? ? ? ? 2.410 ? ? 
metalc7 metalc ? ? A CYS 66 SG ? ? ? 1_555 B ZN . ZN ? ? A CYS 66 A ZN 300 1_555 ? ? ? ? ? ? ? 2.394 ? ? 
metalc8 metalc ? ? A CYS 69 SG ? ? ? 1_555 B ZN . ZN ? ? A CYS 69 A ZN 300 1_555 ? ? ? ? ? ? ? 2.311 ? ? 
# 
_struct_conn_type.id          metalc 
_struct_conn_type.criteria    ? 
_struct_conn_type.reference   ? 
# 
loop_
_struct_sheet.id 
_struct_sheet.type 
_struct_sheet.number_strands 
_struct_sheet.details 
A ? 2 ? 
B ? 2 ? 
# 
loop_
_struct_sheet_order.sheet_id 
_struct_sheet_order.range_id_1 
_struct_sheet_order.range_id_2 
_struct_sheet_order.offset 
_struct_sheet_order.sense 
A 1 2 ? anti-parallel 
B 1 2 ? anti-parallel 
# 
loop_
_struct_sheet_range.sheet_id 
_struct_sheet_range.id 
_struct_sheet_range.beg_label_comp_id 
_struct_sheet_range.beg_label_asym_id 
_struct_sheet_range.beg_label_seq_id 
_struct_sheet_range.pdbx_beg_PDB_ins_code 
_struct_sheet_range.end_label_comp_id 
_struct_sheet_range.end_label_asym_id 
_struct_sheet_range.end_label_seq_id 
_struct_sheet_range.pdbx_end_PDB_ins_code 
_struct_sheet_range.beg_auth_comp_id 
_struct_sheet_range.beg_auth_asym_id 
_struct_sheet_range.beg_auth_seq_id 
_struct_sheet_range.end_auth_comp_id 
_struct_sheet_range.end_auth_asym_id 
_struct_sheet_range.end_auth_seq_id 
A 1 HIS A 36 ? HIS A 37 ? HIS A 36 HIS A 37 
A 2 ILE A 44 ? PHE A 45 ? ILE A 44 PHE A 45 
B 1 ASN A 52 ? LEU A 54 ? ASN A 52 LEU A 54 
B 2 VAL A 63 ? VAL A 65 ? VAL A 63 VAL A 65 
# 
loop_
_pdbx_struct_sheet_hbond.sheet_id 
_pdbx_struct_sheet_hbond.range_id_1 
_pdbx_struct_sheet_hbond.range_id_2 
_pdbx_struct_sheet_hbond.range_1_label_atom_id 
_pdbx_struct_sheet_hbond.range_1_label_comp_id 
_pdbx_struct_sheet_hbond.range_1_label_asym_id 
_pdbx_struct_sheet_hbond.range_1_label_seq_id 
_pdbx_struct_sheet_hbond.range_1_PDB_ins_code 
_pdbx_struct_sheet_hbond.range_1_auth_atom_id 
_pdbx_struct_sheet_hbond.range_1_auth_comp_id 
_pdbx_struct_sheet_hbond.range_1_auth_asym_id 
_pdbx_struct_sheet_hbond.range_1_auth_seq_id 
_pdbx_struct_sheet_hbond.range_2_label_atom_id 
_pdbx_struct_sheet_hbond.range_2_label_comp_id 
_pdbx_struct_sheet_hbond.range_2_label_asym_id 
_pdbx_struct_sheet_hbond.range_2_label_seq_id 
_pdbx_struct_sheet_hbond.range_2_PDB_ins_code 
_pdbx_struct_sheet_hbond.range_2_auth_atom_id 
_pdbx_struct_sheet_hbond.range_2_auth_comp_id 
_pdbx_struct_sheet_hbond.range_2_auth_asym_id 
_pdbx_struct_sheet_hbond.range_2_auth_seq_id 
A 1 2 N HIS A 36 ? N HIS A 36 O PHE A 45 ? O PHE A 45 
B 1 2 N ASN A 52 ? N ASN A 52 O VAL A 65 ? O VAL A 65 
# 
loop_
_struct_site.id 
_struct_site.pdbx_evidence_code 
_struct_site.pdbx_auth_asym_id 
_struct_site.pdbx_auth_comp_id 
_struct_site.pdbx_auth_seq_id 
_struct_site.pdbx_auth_ins_code 
_struct_site.pdbx_num_residues 
_struct_site.details 
AC1 Software A ZN  300 ? 4 'BINDING SITE FOR RESIDUE ZN A 300'  
AC2 Software A ZN  301 ? 4 'BINDING SITE FOR RESIDUE ZN A 301'  
AC3 Software A SO4 303 ? 4 'BINDING SITE FOR RESIDUE SO4 A 303' 
# 
loop_
_struct_site_gen.id 
_struct_site_gen.site_id 
_struct_site_gen.pdbx_num_res 
_struct_site_gen.label_comp_id 
_struct_site_gen.label_asym_id 
_struct_site_gen.label_seq_id 
_struct_site_gen.pdbx_auth_ins_code 
_struct_site_gen.auth_comp_id 
_struct_site_gen.auth_asym_id 
_struct_site_gen.auth_seq_id 
_struct_site_gen.label_atom_id 
_struct_site_gen.label_alt_id 
_struct_site_gen.symmetry 
_struct_site_gen.details 
1  AC1 4 CYS A 38 ? CYS A 38 . ? 1_555 ? 
2  AC1 4 CYS A 41 ? CYS A 41 . ? 1_555 ? 
3  AC1 4 CYS A 66 ? CYS A 66 . ? 1_555 ? 
4  AC1 4 CYS A 69 ? CYS A 69 . ? 1_555 ? 
5  AC2 4 CYS A 22 ? CYS A 22 . ? 1_555 ? 
6  AC2 4 CYS A 25 ? CYS A 25 . ? 1_555 ? 
7  AC2 4 CYS A 46 ? CYS A 46 . ? 1_555 ? 
8  AC2 4 CYS A 49 ? CYS A 49 . ? 1_555 ? 
9  AC3 4 HIS A 36 ? HIS A 36 . ? 1_555 ? 
10 AC3 4 HIS A 37 ? HIS A 37 . ? 1_555 ? 
11 AC3 4 ARG A 39 ? ARG A 39 . ? 1_555 ? 
12 AC3 4 ARG A 64 ? ARG A 64 . ? 1_555 ? 
# 
_atom_sites.entry_id                    2YW8 
_atom_sites.fract_transf_matrix[1][1]   -0.00276671 
_atom_sites.fract_transf_matrix[1][2]   -0.00707512 
_atom_sites.fract_transf_matrix[1][3]   -0.00420711 
_atom_sites.fract_transf_matrix[2][1]   -0.00292752 
_atom_sites.fract_transf_matrix[2][2]   -0.00330246 
_atom_sites.fract_transf_matrix[2][3]   0.00747899 
_atom_sites.fract_transf_matrix[3][1]   -0.00769330 
_atom_sites.fract_transf_matrix[3][2]   0.00380108 
_atom_sites.fract_transf_matrix[3][3]   -0.00133298 
_atom_sites.fract_transf_vector[1]      -0.173264 
_atom_sites.fract_transf_vector[2]      0.009842 
_atom_sites.fract_transf_vector[3]      -0.146926 
# 
loop_
_atom_type.symbol 
C  
N  
O  
S  
ZN 
# 
loop_
_atom_site.group_PDB 
_atom_site.id 
_atom_site.type_symbol 
_atom_site.label_atom_id 
_atom_site.label_alt_id 
_atom_site.label_comp_id 
_atom_site.label_asym_id 
_atom_site.label_entity_id 
_atom_site.label_seq_id 
_atom_site.pdbx_PDB_ins_code 
_atom_site.Cartn_x 
_atom_site.Cartn_y 
_atom_site.Cartn_z 
_atom_site.occupancy 
_atom_site.B_iso_or_equiv 
_atom_site.pdbx_formal_charge 
_atom_site.auth_seq_id 
_atom_site.auth_comp_id 
_atom_site.auth_asym_id 
_atom_site.auth_atom_id 
_atom_site.pdbx_PDB_model_num 
ATOM   1   N  N   . LYS A 1 15 ? 5.533   4.762   -7.931  1.00 101.14 ? 15  LYS A N   1 
ATOM   2   C  CA  . LYS A 1 15 ? 6.988   4.990   -7.685  1.00 114.60 ? 15  LYS A CA  1 
ATOM   3   C  C   . LYS A 1 15 ? 7.205   6.079   -6.604  1.00 121.62 ? 15  LYS A C   1 
ATOM   4   O  O   . LYS A 1 15 ? 7.086   7.267   -6.909  1.00 129.37 ? 15  LYS A O   1 
ATOM   5   C  CB  . LYS A 1 15 ? 7.655   5.368   -9.027  1.00 113.97 ? 15  LYS A CB  1 
ATOM   6   C  CG  . LYS A 1 15 ? 7.314   4.441   -10.165 1.00 105.79 ? 15  LYS A CG  1 
ATOM   7   C  CD  . LYS A 1 15 ? 8.087   4.792   -11.398 1.00 101.63 ? 15  LYS A CD  1 
ATOM   8   C  CE  . LYS A 1 15 ? 7.827   3.728   -12.416 1.00 109.52 ? 15  LYS A CE  1 
ATOM   9   N  NZ  . LYS A 1 15 ? 8.661   3.926   -13.604 1.00 119.67 ? 15  LYS A NZ  1 
ATOM   10  N  N   . ASP A 1 16 ? 7.583   5.685   -5.373  1.00 126.02 ? 16  ASP A N   1 
ATOM   11  C  CA  . ASP A 1 16 ? 7.775   6.647   -4.245  1.00 129.31 ? 16  ASP A CA  1 
ATOM   12  C  C   . ASP A 1 16 ? 8.711   6.166   -3.087  1.00 130.30 ? 16  ASP A C   1 
ATOM   13  O  O   . ASP A 1 16 ? 8.716   4.986   -2.773  1.00 136.45 ? 16  ASP A O   1 
ATOM   14  C  CB  . ASP A 1 16 ? 6.388   6.977   -3.672  1.00 130.04 ? 16  ASP A CB  1 
ATOM   15  C  CG  . ASP A 1 16 ? 6.356   8.251   -2.861  1.00 134.02 ? 16  ASP A CG  1 
ATOM   16  O  OD1 . ASP A 1 16 ? 7.282   8.448   -2.061  1.00 142.71 ? 16  ASP A OD1 1 
ATOM   17  O  OD2 . ASP A 1 16 ? 5.374   9.017   -2.992  1.00 132.50 ? 16  ASP A OD2 1 
ATOM   18  N  N   . ASP A 1 17 ? 9.494   7.073   -2.476  1.00 128.74 ? 17  ASP A N   1 
ATOM   19  C  CA  . ASP A 1 17 ? 10.395  6.707   -1.349  1.00 121.23 ? 17  ASP A CA  1 
ATOM   20  C  C   . ASP A 1 17 ? 10.260  7.689   -0.184  1.00 114.07 ? 17  ASP A C   1 
ATOM   21  O  O   . ASP A 1 17 ? 9.433   8.584   -0.224  1.00 110.26 ? 17  ASP A O   1 
ATOM   22  C  CB  . ASP A 1 17 ? 11.861  6.688   -1.812  1.00 125.06 ? 17  ASP A CB  1 
ATOM   23  C  CG  . ASP A 1 17 ? 12.077  5.776   -2.986  1.00 134.45 ? 17  ASP A CG  1 
ATOM   24  O  OD1 . ASP A 1 17 ? 11.346  4.781   -3.107  1.00 138.21 ? 17  ASP A OD1 1 
ATOM   25  O  OD2 . ASP A 1 17 ? 12.965  6.089   -3.797  1.00 142.70 ? 17  ASP A OD2 1 
ATOM   26  N  N   . GLU A 1 18 ? 11.099  7.528   0.834   1.00 108.49 ? 18  GLU A N   1 
ATOM   27  C  CA  . GLU A 1 18 ? 11.206  8.421   2.003   1.00 105.69 ? 18  GLU A CA  1 
ATOM   28  C  C   . GLU A 1 18 ? 9.981   8.760   2.876   1.00 97.90  ? 18  GLU A C   1 
ATOM   29  O  O   . GLU A 1 18 ? 9.798   9.927   3.234   1.00 92.42  ? 18  GLU A O   1 
ATOM   30  C  CB  . GLU A 1 18 ? 11.834  9.738   1.534   1.00 113.39 ? 18  GLU A CB  1 
ATOM   31  C  CG  . GLU A 1 18 ? 13.334  9.672   1.362   1.00 128.19 ? 18  GLU A CG  1 
ATOM   32  C  CD  . GLU A 1 18 ? 13.964  11.052  1.225   1.00 137.24 ? 18  GLU A CD  1 
ATOM   33  O  OE1 . GLU A 1 18 ? 13.506  11.991  1.927   1.00 144.05 ? 18  GLU A OE1 1 
ATOM   34  O  OE2 . GLU A 1 18 ? 14.930  11.193  0.440   1.00 140.73 ? 18  GLU A OE2 1 
ATOM   35  N  N   . ALA A 1 19 ? 9.160   7.777   3.244   1.00 87.04  ? 19  ALA A N   1 
ATOM   36  C  CA  . ALA A 1 19 ? 7.961   8.078   4.045   1.00 73.62  ? 19  ALA A CA  1 
ATOM   37  C  C   . ALA A 1 19 ? 8.291   7.944   5.529   1.00 67.52  ? 19  ALA A C   1 
ATOM   38  O  O   . ALA A 1 19 ? 9.280   7.306   5.870   1.00 70.40  ? 19  ALA A O   1 
ATOM   39  C  CB  . ALA A 1 19 ? 6.816   7.147   3.652   1.00 74.80  ? 19  ALA A CB  1 
ATOM   40  N  N   . THR A 1 20 ? 7.473   8.524   6.407   1.00 59.42  ? 20  THR A N   1 
ATOM   41  C  CA  . THR A 1 20 ? 7.710   8.488   7.863   1.00 50.68  ? 20  THR A CA  1 
ATOM   42  C  C   . THR A 1 20 ? 6.576   7.831   8.643   1.00 49.62  ? 20  THR A C   1 
ATOM   43  O  O   . THR A 1 20 ? 6.778   7.147   9.658   1.00 45.34  ? 20  THR A O   1 
ATOM   44  C  CB  . THR A 1 20 ? 7.898   9.920   8.404   1.00 47.83  ? 20  THR A CB  1 
ATOM   45  O  OG1 . THR A 1 20 ? 9.195   10.381  8.032   1.00 46.59  ? 20  THR A OG1 1 
ATOM   46  C  CG2 . THR A 1 20 ? 7.779   9.979   9.907   1.00 45.14  ? 20  THR A CG2 1 
ATOM   47  N  N   . HIS A 1 21 ? 5.367   8.085   8.174   1.00 52.31  ? 21  HIS A N   1 
ATOM   48  C  CA  . HIS A 1 21 ? 4.182   7.526   8.791   1.00 53.05  ? 21  HIS A CA  1 
ATOM   49  C  C   . HIS A 1 21 ? 3.415   6.845   7.690   1.00 49.93  ? 21  HIS A C   1 
ATOM   50  O  O   . HIS A 1 21 ? 3.634   7.114   6.514   1.00 54.40  ? 21  HIS A O   1 
ATOM   51  C  CB  . HIS A 1 21 ? 3.355   8.646   9.410   1.00 62.72  ? 21  HIS A CB  1 
ATOM   52  C  CG  . HIS A 1 21 ? 4.120   9.447   10.418  1.00 78.51  ? 21  HIS A CG  1 
ATOM   53  N  ND1 . HIS A 1 21 ? 4.232   9.066   11.739  1.00 79.16  ? 21  HIS A ND1 1 
ATOM   54  C  CD2 . HIS A 1 21 ? 4.896   10.546  10.275  1.00 74.55  ? 21  HIS A CD2 1 
ATOM   55  C  CE1 . HIS A 1 21 ? 5.047   9.896   12.367  1.00 68.60  ? 21  HIS A CE1 1 
ATOM   56  N  NE2 . HIS A 1 21 ? 5.464   10.802  11.500  1.00 76.53  ? 21  HIS A NE2 1 
ATOM   57  N  N   . CYS A 1 22 ? 2.539   5.934   8.070   1.00 47.77  ? 22  CYS A N   1 
ATOM   58  C  CA  . CYS A 1 22 ? 1.730   5.242   7.098   1.00 46.27  ? 22  CYS A CA  1 
ATOM   59  C  C   . CYS A 1 22 ? 0.762   6.258   6.507   1.00 49.45  ? 22  CYS A C   1 
ATOM   60  O  O   . CYS A 1 22 ? 0.066   6.964   7.237   1.00 47.31  ? 22  CYS A O   1 
ATOM   61  C  CB  . CYS A 1 22 ? 0.939   4.134   7.764   1.00 39.82  ? 22  CYS A CB  1 
ATOM   62  S  SG  . CYS A 1 22 ? -0.218  3.370   6.638   1.00 46.00  ? 22  CYS A SG  1 
ATOM   63  N  N   . ARG A 1 23 ? 0.709   6.324   5.185   1.00 46.96  ? 23  ARG A N   1 
ATOM   64  C  CA  . ARG A 1 23 ? -0.176  7.261   4.517   1.00 48.32  ? 23  ARG A CA  1 
ATOM   65  C  C   . ARG A 1 23 ? -1.613  7.138   4.994   1.00 46.49  ? 23  ARG A C   1 
ATOM   66  O  O   . ARG A 1 23 ? -2.340  8.119   5.041   1.00 48.63  ? 23  ARG A O   1 
ATOM   67  C  CB  . ARG A 1 23 ? -0.134  7.032   3.011   1.00 54.06  ? 23  ARG A CB  1 
ATOM   68  C  CG  . ARG A 1 23 ? -0.064  8.306   2.201   1.00 63.72  ? 23  ARG A CG  1 
ATOM   69  C  CD  . ARG A 1 23 ? -1.305  8.549   1.365   1.00 67.64  ? 23  ARG A CD  1 
ATOM   70  N  NE  . ARG A 1 23 ? -1.230  9.839   0.671   1.00 71.22  ? 23  ARG A NE  1 
ATOM   71  C  CZ  . ARG A 1 23 ? -2.127  10.262  -0.213  1.00 74.64  ? 23  ARG A CZ  1 
ATOM   72  N  NH1 . ARG A 1 23 ? -3.171  9.493   -0.522  1.00 79.75  ? 23  ARG A NH1 1 
ATOM   73  N  NH2 . ARG A 1 23 ? -1.982  11.454  -0.785  1.00 78.32  ? 23  ARG A NH2 1 
ATOM   74  N  N   . GLN A 1 24 ? -2.019  5.931   5.364   1.00 45.05  ? 24  GLN A N   1 
ATOM   75  C  CA  . GLN A 1 24 ? -3.383  5.704   5.787   1.00 39.06  ? 24  GLN A CA  1 
ATOM   76  C  C   . GLN A 1 24 ? -3.669  5.955   7.264   1.00 45.94  ? 24  GLN A C   1 
ATOM   77  O  O   . GLN A 1 24 ? -4.300  6.943   7.613   1.00 49.50  ? 24  GLN A O   1 
ATOM   78  C  CB  . GLN A 1 24 ? -3.793  4.284   5.400   1.00 32.15  ? 24  GLN A CB  1 
ATOM   79  C  CG  . GLN A 1 24 ? -5.239  3.946   5.710   1.00 30.02  ? 24  GLN A CG  1 
ATOM   80  C  CD  . GLN A 1 24 ? -5.764  2.723   4.937   1.00 44.68  ? 24  GLN A CD  1 
ATOM   81  O  OE1 . GLN A 1 24 ? -5.670  2.651   3.702   1.00 58.16  ? 24  GLN A OE1 1 
ATOM   82  N  NE2 . GLN A 1 24 ? -6.335  1.772   5.663   1.00 29.14  ? 24  GLN A NE2 1 
ATOM   83  N  N   . CYS A 1 25 ? -3.200  5.064   8.132   1.00 49.48  ? 25  CYS A N   1 
ATOM   84  C  CA  . CYS A 1 25 ? -3.461  5.181   9.566   1.00 46.21  ? 25  CYS A CA  1 
ATOM   85  C  C   . CYS A 1 25 ? -2.541  6.163   10.258  1.00 46.26  ? 25  CYS A C   1 
ATOM   86  O  O   . CYS A 1 25 ? -2.729  6.504   11.428  1.00 43.26  ? 25  CYS A O   1 
ATOM   87  C  CB  . CYS A 1 25 ? -3.329  3.814   10.228  1.00 38.87  ? 25  CYS A CB  1 
ATOM   88  S  SG  . CYS A 1 25 ? -1.655  3.210   10.420  1.00 50.21  ? 25  CYS A SG  1 
ATOM   89  N  N   . GLU A 1 26 ? -1.521  6.580   9.535   1.00 43.85  ? 26  GLU A N   1 
ATOM   90  C  CA  . GLU A 1 26 ? -0.588  7.537   10.066  1.00 48.83  ? 26  GLU A CA  1 
ATOM   91  C  C   . GLU A 1 26 ? 0.311   7.105   11.213  1.00 48.68  ? 26  GLU A C   1 
ATOM   92  O  O   . GLU A 1 26 ? 1.002   7.941   11.799  1.00 55.09  ? 26  GLU A O   1 
ATOM   93  C  CB  . GLU A 1 26 ? -1.348  8.799   10.439  1.00 44.15  ? 26  GLU A CB  1 
ATOM   94  C  CG  . GLU A 1 26 ? -1.664  9.638   9.231   1.00 65.47  ? 26  GLU A CG  1 
ATOM   95  C  CD  . GLU A 1 26 ? -2.697  10.697  9.509   1.00 76.38  ? 26  GLU A CD  1 
ATOM   96  O  OE1 . GLU A 1 26 ? -3.878  10.338  9.728   1.00 86.52  ? 26  GLU A OE1 1 
ATOM   97  O  OE2 . GLU A 1 26 ? -2.326  11.889  9.513   1.00 86.92  ? 26  GLU A OE2 1 
ATOM   98  N  N   . LYS A 1 27 ? 0.338   5.820   11.546  1.00 42.53  ? 27  LYS A N   1 
ATOM   99  C  CA  . LYS A 1 27 ? 1.238   5.399   12.615  1.00 39.95  ? 27  LYS A CA  1 
ATOM   100 C  C   . LYS A 1 27 ? 2.684   5.531   12.128  1.00 43.61  ? 27  LYS A C   1 
ATOM   101 O  O   . LYS A 1 27 ? 2.957   5.551   10.932  1.00 50.59  ? 27  LYS A O   1 
ATOM   102 C  CB  . LYS A 1 27 ? 0.930   3.970   13.039  1.00 31.49  ? 27  LYS A CB  1 
ATOM   103 C  CG  . LYS A 1 27 ? -0.473  3.829   13.631  1.00 24.73  ? 27  LYS A CG  1 
ATOM   104 C  CD  . LYS A 1 27 ? -0.768  2.418   14.124  1.00 26.33  ? 27  LYS A CD  1 
ATOM   105 C  CE  . LYS A 1 27 ? -2.185  2.297   14.697  1.00 33.68  ? 27  LYS A CE  1 
ATOM   106 N  NZ  . LYS A 1 27 ? -2.444  1.024   15.465  1.00 54.12  ? 27  LYS A NZ  1 
ATOM   107 N  N   . GLU A 1 28 ? 3.628   5.615   13.046  1.00 46.29  ? 28  GLU A N   1 
ATOM   108 C  CA  . GLU A 1 28 ? 5.003   5.799   12.621  1.00 48.21  ? 28  GLU A CA  1 
ATOM   109 C  C   . GLU A 1 28 ? 5.776   4.541   12.219  1.00 45.29  ? 28  GLU A C   1 
ATOM   110 O  O   . GLU A 1 28 ? 5.769   3.540   12.937  1.00 45.76  ? 28  GLU A O   1 
ATOM   111 C  CB  . GLU A 1 28 ? 5.756   6.532   13.715  1.00 48.52  ? 28  GLU A CB  1 
ATOM   112 C  CG  . GLU A 1 28 ? 6.881   7.379   13.187  1.00 71.97  ? 28  GLU A CG  1 
ATOM   113 C  CD  . GLU A 1 28 ? 7.924   7.670   14.246  1.00 88.15  ? 28  GLU A CD  1 
ATOM   114 O  OE1 . GLU A 1 28 ? 7.552   7.850   15.431  1.00 91.82  ? 28  GLU A OE1 1 
ATOM   115 O  OE2 . GLU A 1 28 ? 9.123   7.728   13.890  1.00 101.68 ? 28  GLU A OE2 1 
ATOM   116 N  N   . PHE A 1 29 ? 6.448   4.590   11.071  1.00 39.40  ? 29  PHE A N   1 
ATOM   117 C  CA  . PHE A 1 29 ? 7.244   3.444   10.634  1.00 39.29  ? 29  PHE A CA  1 
ATOM   118 C  C   . PHE A 1 29 ? 8.475   3.328   11.537  1.00 42.38  ? 29  PHE A C   1 
ATOM   119 O  O   . PHE A 1 29 ? 8.981   4.338   12.013  1.00 40.47  ? 29  PHE A O   1 
ATOM   120 C  CB  . PHE A 1 29 ? 7.676   3.609   9.174   1.00 29.06  ? 29  PHE A CB  1 
ATOM   121 C  CG  . PHE A 1 29 ? 6.542   3.498   8.199   1.00 41.49  ? 29  PHE A CG  1 
ATOM   122 C  CD1 . PHE A 1 29 ? 5.768   2.335   8.148   1.00 45.10  ? 29  PHE A CD1 1 
ATOM   123 C  CD2 . PHE A 1 29 ? 6.236   4.541   7.330   1.00 38.43  ? 29  PHE A CD2 1 
ATOM   124 C  CE1 . PHE A 1 29 ? 4.700   2.219   7.259   1.00 42.32  ? 29  PHE A CE1 1 
ATOM   125 C  CE2 . PHE A 1 29 ? 5.165   4.437   6.433   1.00 38.18  ? 29  PHE A CE2 1 
ATOM   126 C  CZ  . PHE A 1 29 ? 4.397   3.274   6.392   1.00 42.09  ? 29  PHE A CZ  1 
ATOM   127 N  N   . SER A 1 30 ? 8.941   2.101   11.773  1.00 48.96  ? 30  SER A N   1 
ATOM   128 C  CA  . SER A 1 30 ? 10.110  1.823   12.630  1.00 41.84  ? 30  SER A CA  1 
ATOM   129 C  C   . SER A 1 30 ? 10.588  0.413   12.366  1.00 45.60  ? 30  SER A C   1 
ATOM   130 O  O   . SER A 1 30 ? 10.059  -0.270  11.488  1.00 48.67  ? 30  SER A O   1 
ATOM   131 C  CB  . SER A 1 30 ? 9.746   1.914   14.102  1.00 35.33  ? 30  SER A CB  1 
ATOM   132 O  OG  . SER A 1 30 ? 8.622   1.101   14.391  1.00 37.48  ? 30  SER A OG  1 
ATOM   133 N  N   . ILE A 1 31 ? 11.569  -0.046  13.131  1.00 43.54  ? 31  ILE A N   1 
ATOM   134 C  CA  . ILE A 1 31 ? 12.045  -1.395  12.897  1.00 44.64  ? 31  ILE A CA  1 
ATOM   135 C  C   . ILE A 1 31 ? 10.893  -2.352  13.143  1.00 45.13  ? 31  ILE A C   1 
ATOM   136 O  O   . ILE A 1 31 ? 10.778  -3.365  12.471  1.00 41.05  ? 31  ILE A O   1 
ATOM   137 C  CB  . ILE A 1 31 ? 13.216  -1.794  13.804  1.00 41.11  ? 31  ILE A CB  1 
ATOM   138 C  CG1 . ILE A 1 31 ? 14.191  -0.620  13.980  1.00 63.41  ? 31  ILE A CG1 1 
ATOM   139 C  CG2 . ILE A 1 31 ? 14.003  -2.910  13.106  1.00 34.12  ? 31  ILE A CG2 1 
ATOM   140 C  CD1 . ILE A 1 31 ? 13.656  0.613   14.738  1.00 66.23  ? 31  ILE A CD1 1 
ATOM   141 N  N   . SER A 1 32 ? 10.022  -1.999  14.087  1.00 44.47  ? 32  SER A N   1 
ATOM   142 C  CA  . SER A 1 32 ? 8.871   -2.823  14.431  1.00 42.51  ? 32  SER A CA  1 
ATOM   143 C  C   . SER A 1 32 ? 7.655   -2.658  13.517  1.00 46.21  ? 32  SER A C   1 
ATOM   144 O  O   . SER A 1 32 ? 6.682   -3.405  13.626  1.00 51.65  ? 32  SER A O   1 
ATOM   145 C  CB  . SER A 1 32 ? 8.475   -2.554  15.873  1.00 42.42  ? 32  SER A CB  1 
ATOM   146 O  OG  . SER A 1 32 ? 9.426   -3.142  16.741  1.00 66.36  ? 32  SER A OG  1 
ATOM   147 N  N   . ARG A 1 33 ? 7.703   -1.680  12.620  1.00 43.49  ? 33  ARG A N   1 
ATOM   148 C  CA  . ARG A 1 33 ? 6.605   -1.457  11.685  1.00 38.12  ? 33  ARG A CA  1 
ATOM   149 C  C   . ARG A 1 33 ? 7.152   -1.275  10.269  1.00 38.08  ? 33  ARG A C   1 
ATOM   150 O  O   . ARG A 1 33 ? 7.547   -0.170  9.880   1.00 38.59  ? 33  ARG A O   1 
ATOM   151 C  CB  . ARG A 1 33 ? 5.787   -0.234  12.096  1.00 40.22  ? 33  ARG A CB  1 
ATOM   152 C  CG  . ARG A 1 33 ? 4.493   -0.031  11.303  1.00 45.69  ? 33  ARG A CG  1 
ATOM   153 C  CD  . ARG A 1 33 ? 3.897   1.318   11.633  1.00 55.82  ? 33  ARG A CD  1 
ATOM   154 N  NE  . ARG A 1 33 ? 3.544   1.405   13.043  1.00 51.45  ? 33  ARG A NE  1 
ATOM   155 C  CZ  . ARG A 1 33 ? 2.475   0.824   13.566  1.00 57.59  ? 33  ARG A CZ  1 
ATOM   156 N  NH1 . ARG A 1 33 ? 1.649   0.110   12.785  1.00 53.01  ? 33  ARG A NH1 1 
ATOM   157 N  NH2 . ARG A 1 33 ? 2.238   0.969   14.863  1.00 36.80  ? 33  ARG A NH2 1 
ATOM   158 N  N   . ARG A 1 34 ? 7.170   -2.383  9.525   1.00 35.56  ? 34  ARG A N   1 
ATOM   159 C  CA  . ARG A 1 34 ? 7.650   -2.488  8.136   1.00 32.92  ? 34  ARG A CA  1 
ATOM   160 C  C   . ARG A 1 34 ? 6.936   -1.572  7.165   1.00 37.13  ? 34  ARG A C   1 
ATOM   161 O  O   . ARG A 1 34 ? 5.734   -1.337  7.290   1.00 37.33  ? 34  ARG A O   1 
ATOM   162 C  CB  . ARG A 1 34 ? 7.427   -3.913  7.622   1.00 38.73  ? 34  ARG A CB  1 
ATOM   163 C  CG  . ARG A 1 34 ? 8.660   -4.746  7.364   1.00 33.51  ? 34  ARG A CG  1 
ATOM   164 C  CD  . ARG A 1 34 ? 9.312   -4.465  6.023   1.00 49.40  ? 34  ARG A CD  1 
ATOM   165 N  NE  . ARG A 1 34 ? 10.264  -5.530  5.666   1.00 58.71  ? 34  ARG A NE  1 
ATOM   166 C  CZ  . ARG A 1 34 ? 9.922   -6.788  5.384   1.00 61.15  ? 34  ARG A CZ  1 
ATOM   167 N  NH1 . ARG A 1 34 ? 8.642   -7.172  5.402   1.00 61.26  ? 34  ARG A NH1 1 
ATOM   168 N  NH2 . ARG A 1 34 ? 10.865  -7.671  5.098   1.00 47.64  ? 34  ARG A NH2 1 
ATOM   169 N  N   . LYS A 1 35 ? 7.669   -1.109  6.160   1.00 38.45  ? 35  LYS A N   1 
ATOM   170 C  CA  . LYS A 1 35 ? 7.076   -0.257  5.136   1.00 35.11  ? 35  LYS A CA  1 
ATOM   171 C  C   . LYS A 1 35 ? 6.677   -1.093  3.923   1.00 35.05  ? 35  LYS A C   1 
ATOM   172 O  O   . LYS A 1 35 ? 7.378   -2.043  3.566   1.00 34.79  ? 35  LYS A O   1 
ATOM   173 C  CB  . LYS A 1 35 ? 8.065   0.801   4.679   1.00 29.56  ? 35  LYS A CB  1 
ATOM   174 C  CG  . LYS A 1 35 ? 8.389   1.831   5.707   1.00 42.34  ? 35  LYS A CG  1 
ATOM   175 C  CD  . LYS A 1 35 ? 9.244   2.915   5.086   1.00 36.36  ? 35  LYS A CD  1 
ATOM   176 C  CE  . LYS A 1 35 ? 9.672   3.933   6.123   1.00 47.56  ? 35  LYS A CE  1 
ATOM   177 N  NZ  . LYS A 1 35 ? 10.435  5.054   5.493   1.00 58.58  ? 35  LYS A NZ  1 
ATOM   178 N  N   . HIS A 1 36 ? 5.569   -0.723  3.284   1.00 34.19  ? 36  HIS A N   1 
ATOM   179 C  CA  . HIS A 1 36 ? 5.069   -1.427  2.099   1.00 38.50  ? 36  HIS A CA  1 
ATOM   180 C  C   . HIS A 1 36 ? 4.542   -0.413  1.072   1.00 43.81  ? 36  HIS A C   1 
ATOM   181 O  O   . HIS A 1 36 ? 4.119   0.687   1.431   1.00 50.87  ? 36  HIS A O   1 
ATOM   182 C  CB  . HIS A 1 36 ? 3.934   -2.388  2.484   1.00 36.98  ? 36  HIS A CB  1 
ATOM   183 C  CG  . HIS A 1 36 ? 4.325   -3.430  3.496   1.00 39.54  ? 36  HIS A CG  1 
ATOM   184 N  ND1 . HIS A 1 36 ? 5.055   -4.549  3.171   1.00 35.84  ? 36  HIS A ND1 1 
ATOM   185 C  CD2 . HIS A 1 36 ? 4.116   -3.490  4.836   1.00 42.78  ? 36  HIS A CD2 1 
ATOM   186 C  CE1 . HIS A 1 36 ? 5.286   -5.257  4.267   1.00 41.42  ? 36  HIS A CE1 1 
ATOM   187 N  NE2 . HIS A 1 36 ? 4.728   -4.638  5.289   1.00 34.85  ? 36  HIS A NE2 1 
ATOM   188 N  N   . HIS A 1 37 ? 4.559   -0.788  -0.203  1.00 48.26  ? 37  HIS A N   1 
ATOM   189 C  CA  . HIS A 1 37 ? 4.088   0.092   -1.276  1.00 45.53  ? 37  HIS A CA  1 
ATOM   190 C  C   . HIS A 1 37 ? 2.767   -0.355  -1.856  1.00 43.69  ? 37  HIS A C   1 
ATOM   191 O  O   . HIS A 1 37 ? 2.531   -1.562  -2.027  1.00 43.90  ? 37  HIS A O   1 
ATOM   192 C  CB  . HIS A 1 37 ? 5.106   0.151   -2.428  1.00 44.88  ? 37  HIS A CB  1 
ATOM   193 C  CG  . HIS A 1 37 ? 6.309   0.970   -2.111  1.00 71.62  ? 37  HIS A CG  1 
ATOM   194 N  ND1 . HIS A 1 37 ? 7.426   0.450   -1.494  1.00 84.79  ? 37  HIS A ND1 1 
ATOM   195 C  CD2 . HIS A 1 37 ? 6.536   2.300   -2.242  1.00 78.11  ? 37  HIS A CD2 1 
ATOM   196 C  CE1 . HIS A 1 37 ? 8.289   1.424   -1.256  1.00 91.11  ? 37  HIS A CE1 1 
ATOM   197 N  NE2 . HIS A 1 37 ? 7.771   2.557   -1.699  1.00 89.51  ? 37  HIS A NE2 1 
ATOM   198 N  N   . CYS A 1 38 ? 1.892   0.606   -2.139  1.00 37.78  ? 38  CYS A N   1 
ATOM   199 C  CA  . CYS A 1 38 ? 0.632   0.266   -2.788  1.00 37.19  ? 38  CYS A CA  1 
ATOM   200 C  C   . CYS A 1 38 ? 1.018   0.329   -4.254  1.00 38.46  ? 38  CYS A C   1 
ATOM   201 O  O   . CYS A 1 38 ? 1.503   1.357   -4.720  1.00 30.61  ? 38  CYS A O   1 
ATOM   202 C  CB  . CYS A 1 38 ? -0.456  1.299   -2.538  1.00 35.61  ? 38  CYS A CB  1 
ATOM   203 S  SG  . CYS A 1 38 ? -1.910  1.046   -3.631  1.00 33.50  ? 38  CYS A SG  1 
ATOM   204 N  N   . ARG A 1 39 ? 0.821   -0.766  -4.980  1.00 39.43  ? 39  ARG A N   1 
ATOM   205 C  CA  . ARG A 1 39 ? 1.171   -0.805  -6.396  1.00 42.01  ? 39  ARG A CA  1 
ATOM   206 C  C   . ARG A 1 39 ? 0.278   0.068   -7.309  1.00 41.07  ? 39  ARG A C   1 
ATOM   207 O  O   . ARG A 1 39 ? 0.610   0.312   -8.470  1.00 39.60  ? 39  ARG A O   1 
ATOM   208 C  CB  . ARG A 1 39 ? 1.191   -2.272  -6.870  1.00 28.22  ? 39  ARG A CB  1 
ATOM   209 C  CG  . ARG A 1 39 ? 2.617   -2.814  -7.032  1.00 38.06  ? 39  ARG A CG  1 
ATOM   210 C  CD  . ARG A 1 39 ? 3.041   -3.933  -6.097  1.00 48.43  ? 39  ARG A CD  1 
ATOM   211 N  NE  . ARG A 1 39 ? 3.461   -3.482  -4.774  1.00 39.96  ? 39  ARG A NE  1 
ATOM   212 C  CZ  . ARG A 1 39 ? 4.462   -4.043  -4.107  1.00 44.37  ? 39  ARG A CZ  1 
ATOM   213 N  NH1 . ARG A 1 39 ? 5.138   -5.054  -4.649  1.00 26.20  ? 39  ARG A NH1 1 
ATOM   214 N  NH2 . ARG A 1 39 ? 4.774   -3.608  -2.896  1.00 57.53  ? 39  ARG A NH2 1 
ATOM   215 N  N   . ASN A 1 40 ? -0.836  0.552   -6.767  1.00 38.63  ? 40  ASN A N   1 
ATOM   216 C  CA  . ASN A 1 40 ? -1.763  1.379   -7.521  1.00 35.96  ? 40  ASN A CA  1 
ATOM   217 C  C   . ASN A 1 40 ? -1.548  2.875   -7.388  1.00 31.63  ? 40  ASN A C   1 
ATOM   218 O  O   . ASN A 1 40 ? -1.780  3.597   -8.336  1.00 41.77  ? 40  ASN A O   1 
ATOM   219 C  CB  . ASN A 1 40 ? -3.192  1.101   -7.097  1.00 49.89  ? 40  ASN A CB  1 
ATOM   220 C  CG  . ASN A 1 40 ? -4.193  1.879   -7.929  1.00 50.35  ? 40  ASN A CG  1 
ATOM   221 O  OD1 . ASN A 1 40 ? -4.566  1.438   -9.008  1.00 42.94  ? 40  ASN A OD1 1 
ATOM   222 N  ND2 . ASN A 1 40 ? -4.627  3.046   -7.437  1.00 47.01  ? 40  ASN A ND2 1 
ATOM   223 N  N   . CYS A 1 41 ? -1.164  3.348   -6.206  1.00 33.10  ? 41  CYS A N   1 
ATOM   224 C  CA  . CYS A 1 41 ? -0.942  4.775   -5.989  1.00 28.18  ? 41  CYS A CA  1 
ATOM   225 C  C   . CYS A 1 41 ? 0.501   5.097   -5.574  1.00 34.83  ? 41  CYS A C   1 
ATOM   226 O  O   . CYS A 1 41 ? 0.866   6.265   -5.422  1.00 35.63  ? 41  CYS A O   1 
ATOM   227 C  CB  . CYS A 1 41 ? -1.900  5.316   -4.925  1.00 33.48  ? 41  CYS A CB  1 
ATOM   228 S  SG  . CYS A 1 41 ? -1.481  4.905   -3.203  1.00 37.27  ? 41  CYS A SG  1 
ATOM   229 N  N   . GLY A 1 42 ? 1.313   4.062   -5.366  1.00 32.01  ? 42  GLY A N   1 
ATOM   230 C  CA  . GLY A 1 42 ? 2.707   4.267   -5.012  1.00 25.62  ? 42  GLY A CA  1 
ATOM   231 C  C   . GLY A 1 42 ? 3.068   4.786   -3.624  1.00 37.36  ? 42  GLY A C   1 
ATOM   232 O  O   . GLY A 1 42 ? 4.252   4.941   -3.324  1.00 36.16  ? 42  GLY A O   1 
ATOM   233 N  N   . HIS A 1 43 ? 2.085   5.062   -2.779  1.00 32.04  ? 43  HIS A N   1 
ATOM   234 C  CA  . HIS A 1 43 ? 2.380   5.551   -1.453  1.00 32.74  ? 43  HIS A CA  1 
ATOM   235 C  C   . HIS A 1 43 ? 2.832   4.447   -0.505  1.00 35.50  ? 43  HIS A C   1 
ATOM   236 O  O   . HIS A 1 43 ? 2.581   3.273   -0.756  1.00 40.20  ? 43  HIS A O   1 
ATOM   237 C  CB  . HIS A 1 43 ? 1.152   6.260   -0.923  1.00 39.69  ? 43  HIS A CB  1 
ATOM   238 C  CG  . HIS A 1 43 ? 0.935   7.590   -1.559  1.00 52.14  ? 43  HIS A CG  1 
ATOM   239 N  ND1 . HIS A 1 43 ? 1.772   8.659   -1.326  1.00 53.20  ? 43  HIS A ND1 1 
ATOM   240 C  CD2 . HIS A 1 43 ? 0.022   8.013   -2.465  1.00 55.45  ? 43  HIS A CD2 1 
ATOM   241 C  CE1 . HIS A 1 43 ? 1.385   9.683   -2.062  1.00 53.08  ? 43  HIS A CE1 1 
ATOM   242 N  NE2 . HIS A 1 43 ? 0.326   9.318   -2.765  1.00 54.84  ? 43  HIS A NE2 1 
ATOM   243 N  N   . ILE A 1 44 ? 3.515   4.832   0.574   1.00 36.24  ? 44  ILE A N   1 
ATOM   244 C  CA  . ILE A 1 44 ? 4.002   3.877   1.550   1.00 33.43  ? 44  ILE A CA  1 
ATOM   245 C  C   . ILE A 1 44 ? 2.991   3.650   2.676   1.00 37.88  ? 44  ILE A C   1 
ATOM   246 O  O   . ILE A 1 44 ? 2.516   4.596   3.307   1.00 35.73  ? 44  ILE A O   1 
ATOM   247 C  CB  . ILE A 1 44 ? 5.356   4.326   2.136   1.00 36.23  ? 44  ILE A CB  1 
ATOM   248 C  CG1 . ILE A 1 44 ? 6.399   4.386   1.023   1.00 29.58  ? 44  ILE A CG1 1 
ATOM   249 C  CG2 . ILE A 1 44 ? 5.841   3.334   3.181   1.00 37.43  ? 44  ILE A CG2 1 
ATOM   250 C  CD1 . ILE A 1 44 ? 6.301   5.625   0.197   1.00 59.14  ? 44  ILE A CD1 1 
ATOM   251 N  N   . PHE A 1 45 ? 2.671   2.380   2.915   1.00 36.64  ? 45  PHE A N   1 
ATOM   252 C  CA  . PHE A 1 45 ? 1.709   1.986   3.935   1.00 35.27  ? 45  PHE A CA  1 
ATOM   253 C  C   . PHE A 1 45 ? 2.241   0.907   4.864   1.00 35.43  ? 45  PHE A C   1 
ATOM   254 O  O   . PHE A 1 45 ? 3.177   0.178   4.521   1.00 29.98  ? 45  PHE A O   1 
ATOM   255 C  CB  . PHE A 1 45 ? 0.453   1.443   3.262   1.00 33.14  ? 45  PHE A CB  1 
ATOM   256 C  CG  . PHE A 1 45 ? -0.232  2.446   2.390   1.00 43.81  ? 45  PHE A CG  1 
ATOM   257 C  CD1 . PHE A 1 45 ? -1.301  3.207   2.878   1.00 39.07  ? 45  PHE A CD1 1 
ATOM   258 C  CD2 . PHE A 1 45 ? 0.201   2.650   1.088   1.00 39.43  ? 45  PHE A CD2 1 
ATOM   259 C  CE1 . PHE A 1 45 ? -1.911  4.171   2.086   1.00 38.56  ? 45  PHE A CE1 1 
ATOM   260 C  CE2 . PHE A 1 45 ? -0.400  3.613   0.283   1.00 46.73  ? 45  PHE A CE2 1 
ATOM   261 C  CZ  . PHE A 1 45 ? -1.466  4.375   0.778   1.00 47.10  ? 45  PHE A CZ  1 
ATOM   262 N  N   . CYS A 1 46 ? 1.635   0.816   6.046   1.00 35.66  ? 46  CYS A N   1 
ATOM   263 C  CA  . CYS A 1 46 ? 1.994   -0.210  7.017   1.00 32.82  ? 46  CYS A CA  1 
ATOM   264 C  C   . CYS A 1 46 ? 1.286   -1.470  6.489   1.00 37.76  ? 46  CYS A C   1 
ATOM   265 O  O   . CYS A 1 46 ? 0.435   -1.388  5.590   1.00 33.47  ? 46  CYS A O   1 
ATOM   266 C  CB  . CYS A 1 46 ? 1.482   0.144   8.411   1.00 20.70  ? 46  CYS A CB  1 
ATOM   267 S  SG  . CYS A 1 46 ? -0.277  -0.180  8.656   1.00 37.20  ? 46  CYS A SG  1 
ATOM   268 N  N   . ASN A 1 47 ? 1.625   -2.628  7.041   1.00 38.34  ? 47  ASN A N   1 
ATOM   269 C  CA  . ASN A 1 47 ? 1.038   -3.877  6.568   1.00 36.67  ? 47  ASN A CA  1 
ATOM   270 C  C   . ASN A 1 47 ? -0.454  -3.981  6.792   1.00 36.36  ? 47  ASN A C   1 
ATOM   271 O  O   . ASN A 1 47 ? -1.188  -4.517  5.967   1.00 33.45  ? 47  ASN A O   1 
ATOM   272 C  CB  . ASN A 1 47 ? 1.717   -5.074  7.236   1.00 42.29  ? 47  ASN A CB  1 
ATOM   273 C  CG  . ASN A 1 47 ? 1.449   -6.378  6.505   1.00 39.74  ? 47  ASN A CG  1 
ATOM   274 O  OD1 . ASN A 1 47 ? 1.642   -6.468  5.293   1.00 51.81  ? 47  ASN A OD1 1 
ATOM   275 N  ND2 . ASN A 1 47 ? 1.014   -7.393  7.236   1.00 37.78  ? 47  ASN A ND2 1 
ATOM   276 N  N   . THR A 1 48 ? -0.910  -3.466  7.916   1.00 38.30  ? 48  THR A N   1 
ATOM   277 C  CA  . THR A 1 48 ? -2.323  -3.561  8.227   1.00 40.68  ? 48  THR A CA  1 
ATOM   278 C  C   . THR A 1 48 ? -3.208  -2.762  7.278   1.00 36.92  ? 48  THR A C   1 
ATOM   279 O  O   . THR A 1 48 ? -4.344  -3.143  6.995   1.00 33.20  ? 48  THR A O   1 
ATOM   280 C  CB  . THR A 1 48 ? -2.562  -3.127  9.666   1.00 34.89  ? 48  THR A CB  1 
ATOM   281 O  OG1 . THR A 1 48 ? -1.688  -3.874  10.523  1.00 38.31  ? 48  THR A OG1 1 
ATOM   282 C  CG2 . THR A 1 48 ? -3.991  -3.371  10.050  1.00 36.79  ? 48  THR A CG2 1 
ATOM   283 N  N   . CYS A 1 49 ? -2.682  -1.661  6.761   1.00 38.66  ? 49  CYS A N   1 
ATOM   284 C  CA  . CYS A 1 49 ? -3.459  -0.833  5.849   1.00 33.36  ? 49  CYS A CA  1 
ATOM   285 C  C   . CYS A 1 49 ? -3.369  -1.255  4.388   1.00 34.35  ? 49  CYS A C   1 
ATOM   286 O  O   . CYS A 1 49 ? -4.036  -0.667  3.545   1.00 32.41  ? 49  CYS A O   1 
ATOM   287 C  CB  . CYS A 1 49 ? -3.030  0.628   5.980   1.00 32.78  ? 49  CYS A CB  1 
ATOM   288 S  SG  . CYS A 1 49 ? -3.411  1.347   7.594   1.00 34.64  ? 49  CYS A SG  1 
ATOM   289 N  N   . SER A 1 50 ? -2.566  -2.276  4.090   1.00 29.98  ? 50  SER A N   1 
ATOM   290 C  CA  . SER A 1 50 ? -2.403  -2.729  2.716   1.00 27.57  ? 50  SER A CA  1 
ATOM   291 C  C   . SER A 1 50 ? -2.444  -4.255  2.611   1.00 29.52  ? 50  SER A C   1 
ATOM   292 O  O   . SER A 1 50 ? -1.633  -4.883  1.915   1.00 23.67  ? 50  SER A O   1 
ATOM   293 C  CB  . SER A 1 50 ? -1.077  -2.185  2.162   1.00 35.38  ? 50  SER A CB  1 
ATOM   294 O  OG  . SER A 1 50 ? 0.043   -2.683  2.883   1.00 35.63  ? 50  SER A OG  1 
ATOM   295 N  N   . SER A 1 51 ? -3.431  -4.843  3.273   1.00 34.84  ? 51  SER A N   1 
ATOM   296 C  CA  . SER A 1 51 ? -3.566  -6.289  3.307   1.00 37.10  ? 51  SER A CA  1 
ATOM   297 C  C   . SER A 1 51 ? -4.239  -6.961  2.119   1.00 38.76  ? 51  SER A C   1 
ATOM   298 O  O   . SER A 1 51 ? -4.497  -8.162  2.180   1.00 32.74  ? 51  SER A O   1 
ATOM   299 C  CB  . SER A 1 51 ? -4.312  -6.688  4.559   1.00 37.40  ? 51  SER A CB  1 
ATOM   300 O  OG  . SER A 1 51 ? -5.663  -6.295  4.426   1.00 34.00  ? 51  SER A OG  1 
ATOM   301 N  N   . ASN A 1 52 ? -4.542  -6.215  1.056   1.00 40.13  ? 52  ASN A N   1 
ATOM   302 C  CA  . ASN A 1 52 ? -5.173  -6.834  -0.108  1.00 37.91  ? 52  ASN A CA  1 
ATOM   303 C  C   . ASN A 1 52 ? -4.302  -6.808  -1.339  1.00 44.33  ? 52  ASN A C   1 
ATOM   304 O  O   . ASN A 1 52 ? -3.525  -5.875  -1.558  1.00 44.69  ? 52  ASN A O   1 
ATOM   305 C  CB  . ASN A 1 52 ? -6.471  -6.147  -0.503  1.00 38.16  ? 52  ASN A CB  1 
ATOM   306 C  CG  . ASN A 1 52 ? -7.323  -5.801  0.667   1.00 41.71  ? 52  ASN A CG  1 
ATOM   307 O  OD1 . ASN A 1 52 ? -7.107  -4.784  1.313   1.00 45.15  ? 52  ASN A OD1 1 
ATOM   308 N  ND2 . ASN A 1 52 ? -8.304  -6.641  0.956   1.00 26.79  ? 52  ASN A ND2 1 
ATOM   309 N  N   . GLU A 1 53 ? -4.462  -7.841  -2.155  1.00 46.88  ? 53  GLU A N   1 
ATOM   310 C  CA  . GLU A 1 53 ? -3.743  -7.943  -3.414  1.00 46.84  ? 53  GLU A CA  1 
ATOM   311 C  C   . GLU A 1 53 ? -4.828  -8.073  -4.452  1.00 44.00  ? 53  GLU A C   1 
ATOM   312 O  O   . GLU A 1 53 ? -5.846  -8.712  -4.190  1.00 47.49  ? 53  GLU A O   1 
ATOM   313 C  CB  . GLU A 1 53 ? -2.919  -9.221  -3.499  1.00 43.28  ? 53  GLU A CB  1 
ATOM   314 C  CG  . GLU A 1 53 ? -1.858  -9.375  -2.477  1.00 51.54  ? 53  GLU A CG  1 
ATOM   315 C  CD  . GLU A 1 53 ? -1.062  -10.634 -2.696  1.00 56.97  ? 53  GLU A CD  1 
ATOM   316 O  OE1 . GLU A 1 53 ? -1.681  -11.737 -2.812  1.00 27.54  ? 53  GLU A OE1 1 
ATOM   317 O  OE2 . GLU A 1 53 ? 0.188   -10.499 -2.755  1.00 64.12  ? 53  GLU A OE2 1 
ATOM   318 N  N   . LEU A 1 54 ? -4.622  -7.478  -5.620  1.00 35.53  ? 54  LEU A N   1 
ATOM   319 C  CA  . LEU A 1 54 ? -5.584  -7.624  -6.699  1.00 37.46  ? 54  LEU A CA  1 
ATOM   320 C  C   . LEU A 1 54 ? -4.864  -7.515  -8.042  1.00 38.01  ? 54  LEU A C   1 
ATOM   321 O  O   . LEU A 1 54 ? -3.725  -7.052  -8.103  1.00 34.31  ? 54  LEU A O   1 
ATOM   322 C  CB  . LEU A 1 54 ? -6.732  -6.608  -6.554  1.00 33.01  ? 54  LEU A CB  1 
ATOM   323 C  CG  . LEU A 1 54 ? -6.629  -5.141  -6.937  1.00 38.55  ? 54  LEU A CG  1 
ATOM   324 C  CD1 . LEU A 1 54 ? -7.766  -4.391  -6.230  1.00 36.88  ? 54  LEU A CD1 1 
ATOM   325 C  CD2 . LEU A 1 54 ? -5.282  -4.577  -6.546  1.00 57.39  ? 54  LEU A CD2 1 
ATOM   326 N  N   . ALA A 1 55 ? -5.495  -7.989  -9.110  1.00 41.14  ? 55  ALA A N   1 
ATOM   327 C  CA  . ALA A 1 55 ? -4.858  -7.918  -10.413 1.00 42.52  ? 55  ALA A CA  1 
ATOM   328 C  C   . ALA A 1 55 ? -4.825  -6.453  -10.838 1.00 43.31  ? 55  ALA A C   1 
ATOM   329 O  O   . ALA A 1 55 ? -5.837  -5.769  -10.802 1.00 44.27  ? 55  ALA A O   1 
ATOM   330 C  CB  . ALA A 1 55 ? -5.623  -8.729  -11.399 1.00 40.10  ? 55  ALA A CB  1 
ATOM   331 N  N   . LEU A 1 56 ? -3.652  -5.981  -11.233 1.00 40.73  ? 56  LEU A N   1 
ATOM   332 C  CA  . LEU A 1 56 ? -3.473  -4.594  -11.635 1.00 39.02  ? 56  LEU A CA  1 
ATOM   333 C  C   . LEU A 1 56 ? -2.813  -4.552  -12.996 1.00 44.06  ? 56  LEU A C   1 
ATOM   334 O  O   . LEU A 1 56 ? -1.720  -5.080  -13.167 1.00 47.04  ? 56  LEU A O   1 
ATOM   335 C  CB  . LEU A 1 56 ? -2.536  -3.888  -10.660 1.00 39.15  ? 56  LEU A CB  1 
ATOM   336 C  CG  . LEU A 1 56 ? -3.018  -2.726  -9.802  1.00 38.29  ? 56  LEU A CG  1 
ATOM   337 C  CD1 . LEU A 1 56 ? -1.826  -1.792  -9.569  1.00 34.49  ? 56  LEU A CD1 1 
ATOM   338 C  CD2 . LEU A 1 56 ? -4.146  -1.981  -10.486 1.00 30.12  ? 56  LEU A CD2 1 
ATOM   339 N  N   . PRO A 1 57 ? -3.451  -3.914  -13.978 1.00 43.82  ? 57  PRO A N   1 
ATOM   340 C  CA  . PRO A 1 57 ? -2.867  -3.838  -15.310 1.00 45.06  ? 57  PRO A CA  1 
ATOM   341 C  C   . PRO A 1 57 ? -1.358  -3.850  -15.522 1.00 47.32  ? 57  PRO A C   1 
ATOM   342 O  O   . PRO A 1 57 ? -0.830  -4.784  -16.137 1.00 65.20  ? 57  PRO A O   1 
ATOM   343 C  CB  . PRO A 1 57 ? -3.559  -2.622  -15.895 1.00 41.96  ? 57  PRO A CB  1 
ATOM   344 C  CG  . PRO A 1 57 ? -5.007  -2.945  -15.487 1.00 38.79  ? 57  PRO A CG  1 
ATOM   345 C  CD  . PRO A 1 57 ? -4.849  -3.436  -14.015 1.00 45.80  ? 57  PRO A CD  1 
ATOM   346 N  N   . SER A 1 58 ? -0.622  -2.867  -15.051 1.00 31.73  ? 58  SER A N   1 
ATOM   347 C  CA  . SER A 1 58 ? 0.819   -2.936  -15.323 1.00 31.81  ? 58  SER A CA  1 
ATOM   348 C  C   . SER A 1 58 ? 1.564   -4.254  -14.884 1.00 44.76  ? 58  SER A C   1 
ATOM   349 O  O   . SER A 1 58 ? 2.633   -4.554  -15.405 1.00 43.40  ? 58  SER A O   1 
ATOM   350 C  CB  . SER A 1 58 ? 1.485   -1.723  -14.668 1.00 33.99  ? 58  SER A CB  1 
ATOM   351 O  OG  . SER A 1 58 ? 2.865   -1.954  -14.408 1.00 69.78  ? 58  SER A OG  1 
ATOM   352 N  N   . TYR A 1 59 ? 0.982   -5.032  -13.954 1.00 49.00  ? 59  TYR A N   1 
ATOM   353 C  CA  . TYR A 1 59 ? 1.582   -6.243  -13.366 1.00 34.55  ? 59  TYR A CA  1 
ATOM   354 C  C   . TYR A 1 59 ? 1.107   -7.639  -13.795 1.00 42.85  ? 59  TYR A C   1 
ATOM   355 O  O   . TYR A 1 59 ? -0.047  -7.839  -14.168 1.00 43.43  ? 59  TYR A O   1 
ATOM   356 C  CB  . TYR A 1 59 ? 1.454   -6.161  -11.846 1.00 39.93  ? 59  TYR A CB  1 
ATOM   357 C  CG  . TYR A 1 59 ? 1.874   -4.822  -11.288 1.00 38.04  ? 59  TYR A CG  1 
ATOM   358 C  CD1 . TYR A 1 59 ? 1.043   -3.702  -11.404 1.00 38.32  ? 59  TYR A CD1 1 
ATOM   359 C  CD2 . TYR A 1 59 ? 3.119   -4.661  -10.686 1.00 32.52  ? 59  TYR A CD2 1 
ATOM   360 C  CE1 . TYR A 1 59 ? 1.444   -2.452  -10.933 1.00 41.87  ? 59  TYR A CE1 1 
ATOM   361 C  CE2 . TYR A 1 59 ? 3.536   -3.420  -10.215 1.00 44.54  ? 59  TYR A CE2 1 
ATOM   362 C  CZ  . TYR A 1 59 ? 2.700   -2.315  -10.339 1.00 47.34  ? 59  TYR A CZ  1 
ATOM   363 O  OH  . TYR A 1 59 ? 3.129   -1.091  -9.850  1.00 41.19  ? 59  TYR A OH  1 
ATOM   364 N  N   . PRO A 1 60 ? 2.000   -8.640  -13.677 1.00 39.12  ? 60  PRO A N   1 
ATOM   365 C  CA  . PRO A 1 60 ? 1.816   -10.060 -14.019 1.00 34.35  ? 60  PRO A CA  1 
ATOM   366 C  C   . PRO A 1 60 ? 1.037   -10.891 -13.013 1.00 39.05  ? 60  PRO A C   1 
ATOM   367 O  O   . PRO A 1 60 ? 0.256   -11.759 -13.383 1.00 43.15  ? 60  PRO A O   1 
ATOM   368 C  CB  . PRO A 1 60 ? 3.239   -10.577 -14.134 1.00 27.05  ? 60  PRO A CB  1 
ATOM   369 C  CG  . PRO A 1 60 ? 4.113   -9.337  -14.059 1.00 21.77  ? 60  PRO A CG  1 
ATOM   370 C  CD  . PRO A 1 60 ? 3.363   -8.424  -13.181 1.00 29.37  ? 60  PRO A CD  1 
ATOM   371 N  N   . LYS A 1 61 ? 1.288   -10.649 -11.734 1.00 45.73  ? 61  LYS A N   1 
ATOM   372 C  CA  . LYS A 1 61 ? 0.603   -11.381 -10.678 1.00 38.56  ? 61  LYS A CA  1 
ATOM   373 C  C   . LYS A 1 61 ? -0.105  -10.378 -9.789  1.00 38.50  ? 61  LYS A C   1 
ATOM   374 O  O   . LYS A 1 61 ? 0.215   -9.183  -9.813  1.00 45.49  ? 61  LYS A O   1 
ATOM   375 C  CB  . LYS A 1 61 ? 1.617   -12.151 -9.824  1.00 42.90  ? 61  LYS A CB  1 
ATOM   376 C  CG  . LYS A 1 61 ? 2.447   -13.189 -10.569 1.00 58.54  ? 61  LYS A CG  1 
ATOM   377 C  CD  . LYS A 1 61 ? 3.206   -14.151 -9.630  1.00 63.99  ? 61  LYS A CD  1 
ATOM   378 C  CE  . LYS A 1 61 ? 3.871   -15.282 -10.419 1.00 77.12  ? 61  LYS A CE  1 
ATOM   379 N  NZ  . LYS A 1 61 ? 4.576   -16.232 -9.518  1.00 86.76  ? 61  LYS A NZ  1 
ATOM   380 N  N   . PRO A 1 62 ? -1.075  -10.836 -8.991  1.00 31.48  ? 62  PRO A N   1 
ATOM   381 C  CA  . PRO A 1 62 ? -1.787  -9.919  -8.096  1.00 36.63  ? 62  PRO A CA  1 
ATOM   382 C  C   . PRO A 1 62 ? -0.756  -9.158  -7.267  1.00 38.15  ? 62  PRO A C   1 
ATOM   383 O  O   . PRO A 1 62 ? 0.240   -9.741  -6.825  1.00 39.29  ? 62  PRO A O   1 
ATOM   384 C  CB  . PRO A 1 62 ? -2.616  -10.854 -7.229  1.00 31.22  ? 62  PRO A CB  1 
ATOM   385 C  CG  . PRO A 1 62 ? -2.944  -11.950 -8.168  1.00 34.25  ? 62  PRO A CG  1 
ATOM   386 C  CD  . PRO A 1 62 ? -1.639  -12.189 -8.908  1.00 27.86  ? 62  PRO A CD  1 
ATOM   387 N  N   . VAL A 1 63 ? -0.992  -7.862  -7.078  1.00 40.78  ? 63  VAL A N   1 
ATOM   388 C  CA  . VAL A 1 63 ? -0.090  -7.010  -6.311  1.00 36.53  ? 63  VAL A CA  1 
ATOM   389 C  C   . VAL A 1 63 ? -0.785  -6.379  -5.120  1.00 39.62  ? 63  VAL A C   1 
ATOM   390 O  O   . VAL A 1 63 ? -2.017  -6.299  -5.067  1.00 36.57  ? 63  VAL A O   1 
ATOM   391 C  CB  . VAL A 1 63 ? 0.497   -5.867  -7.168  1.00 36.72  ? 63  VAL A CB  1 
ATOM   392 C  CG1 . VAL A 1 63 ? 1.448   -6.425  -8.188  1.00 24.92  ? 63  VAL A CG1 1 
ATOM   393 C  CG2 . VAL A 1 63 ? -0.633  -5.063  -7.840  1.00 39.33  ? 63  VAL A CG2 1 
ATOM   394 N  N   . ARG A 1 64 ? 0.027   -5.895  -4.184  1.00 39.25  ? 64  ARG A N   1 
ATOM   395 C  CA  . ARG A 1 64 ? -0.474  -5.279  -2.956  1.00 37.39  ? 64  ARG A CA  1 
ATOM   396 C  C   . ARG A 1 64 ? -1.007  -3.861  -3.151  1.00 37.32  ? 64  ARG A C   1 
ATOM   397 O  O   . ARG A 1 64 ? -0.380  -3.047  -3.830  1.00 36.13  ? 64  ARG A O   1 
ATOM   398 C  CB  . ARG A 1 64 ? 0.644   -5.257  -1.912  1.00 34.25  ? 64  ARG A CB  1 
ATOM   399 C  CG  . ARG A 1 64 ? 0.288   -4.556  -0.611  1.00 34.75  ? 64  ARG A CG  1 
ATOM   400 C  CD  . ARG A 1 64 ? 1.555   -4.236  0.160   1.00 38.89  ? 64  ARG A CD  1 
ATOM   401 N  NE  . ARG A 1 64 ? 2.244   -5.432  0.626   1.00 39.96  ? 64  ARG A NE  1 
ATOM   402 C  CZ  . ARG A 1 64 ? 2.088   -5.938  1.843   1.00 34.73  ? 64  ARG A CZ  1 
ATOM   403 N  NH1 . ARG A 1 64 ? 1.269   -5.343  2.704   1.00 30.66  ? 64  ARG A NH1 1 
ATOM   404 N  NH2 . ARG A 1 64 ? 2.750   -7.033  2.204   1.00 41.71  ? 64  ARG A NH2 1 
ATOM   405 N  N   . VAL A 1 65 ? -2.162  -3.572  -2.554  1.00 30.80  ? 65  VAL A N   1 
ATOM   406 C  CA  . VAL A 1 65 ? -2.753  -2.240  -2.635  1.00 34.56  ? 65  VAL A CA  1 
ATOM   407 C  C   . VAL A 1 65 ? -3.322  -1.782  -1.292  1.00 35.88  ? 65  VAL A C   1 
ATOM   408 O  O   . VAL A 1 65 ? -3.693  -2.607  -0.465  1.00 42.65  ? 65  VAL A O   1 
ATOM   409 C  CB  . VAL A 1 65 ? -3.890  -2.171  -3.707  1.00 26.58  ? 65  VAL A CB  1 
ATOM   410 C  CG1 . VAL A 1 65 ? -3.340  -2.575  -5.045  1.00 35.23  ? 65  VAL A CG1 1 
ATOM   411 C  CG2 . VAL A 1 65 ? -5.058  -3.067  -3.335  1.00 20.97  ? 65  VAL A CG2 1 
ATOM   412 N  N   . CYS A 1 66 ? -3.373  -0.471  -1.068  1.00 40.56  ? 66  CYS A N   1 
ATOM   413 C  CA  . CYS A 1 66 ? -3.939  0.066   0.173   1.00 44.44  ? 66  CYS A CA  1 
ATOM   414 C  C   . CYS A 1 66 ? -5.465  -0.082  0.119   1.00 44.72  ? 66  CYS A C   1 
ATOM   415 O  O   . CYS A 1 66 ? -6.033  -0.376  -0.937  1.00 41.12  ? 66  CYS A O   1 
ATOM   416 C  CB  . CYS A 1 66 ? -3.565  1.545   0.353   1.00 40.06  ? 66  CYS A CB  1 
ATOM   417 S  SG  . CYS A 1 66 ? -4.152  2.631   -0.958  1.00 36.79  ? 66  CYS A SG  1 
ATOM   418 N  N   . ASP A 1 67 ? -6.126  0.125   1.253   1.00 44.56  ? 67  ASP A N   1 
ATOM   419 C  CA  . ASP A 1 67 ? -7.574  -0.032  1.321   1.00 43.42  ? 67  ASP A CA  1 
ATOM   420 C  C   . ASP A 1 67 ? -8.340  0.908   0.416   1.00 47.82  ? 67  ASP A C   1 
ATOM   421 O  O   . ASP A 1 67 ? -9.355  0.522   -0.168  1.00 52.01  ? 67  ASP A O   1 
ATOM   422 C  CB  . ASP A 1 67 ? -8.069  0.156   2.747   1.00 34.66  ? 67  ASP A CB  1 
ATOM   423 C  CG  . ASP A 1 67 ? -7.518  -0.873  3.695   1.00 37.56  ? 67  ASP A CG  1 
ATOM   424 O  OD1 . ASP A 1 67 ? -7.081  -1.955  3.240   1.00 31.63  ? 67  ASP A OD1 1 
ATOM   425 O  OD2 . ASP A 1 67 ? -7.542  -0.593  4.908   1.00 41.95  ? 67  ASP A OD2 1 
ATOM   426 N  N   . SER A 1 68 ? -7.867  2.145   0.308   1.00 45.53  ? 68  SER A N   1 
ATOM   427 C  CA  . SER A 1 68 ? -8.533  3.137   -0.528  1.00 42.55  ? 68  SER A CA  1 
ATOM   428 C  C   . SER A 1 68 ? -8.582  2.655   -1.969  1.00 45.31  ? 68  SER A C   1 
ATOM   429 O  O   . SER A 1 68 ? -9.665  2.524   -2.561  1.00 40.45  ? 68  SER A O   1 
ATOM   430 C  CB  . SER A 1 68 ? -7.793  4.465   -0.472  1.00 29.02  ? 68  SER A CB  1 
ATOM   431 O  OG  . SER A 1 68 ? -8.211  5.275   -1.552  1.00 48.06  ? 68  SER A OG  1 
ATOM   432 N  N   . CYS A 1 69 ? -7.391  2.409   -2.523  1.00 40.43  ? 69  CYS A N   1 
ATOM   433 C  CA  . CYS A 1 69 ? -7.247  1.917   -3.885  1.00 35.67  ? 69  CYS A CA  1 
ATOM   434 C  C   . CYS A 1 69 ? -7.987  0.592   -4.060  1.00 36.06  ? 69  CYS A C   1 
ATOM   435 O  O   . CYS A 1 69 ? -8.526  0.304   -5.126  1.00 34.15  ? 69  CYS A O   1 
ATOM   436 C  CB  . CYS A 1 69 ? -5.776  1.713   -4.214  1.00 31.15  ? 69  CYS A CB  1 
ATOM   437 S  SG  . CYS A 1 69 ? -4.885  3.227   -4.374  1.00 37.84  ? 69  CYS A SG  1 
ATOM   438 N  N   . HIS A 1 70 ? -8.004  -0.217  -3.007  1.00 36.86  ? 70  HIS A N   1 
ATOM   439 C  CA  . HIS A 1 70 ? -8.688  -1.493  -3.063  1.00 35.55  ? 70  HIS A CA  1 
ATOM   440 C  C   . HIS A 1 70 ? -10.186 -1.242  -3.314  1.00 36.32  ? 70  HIS A C   1 
ATOM   441 O  O   . HIS A 1 70 ? -10.807 -1.885  -4.171  1.00 37.75  ? 70  HIS A O   1 
ATOM   442 C  CB  . HIS A 1 70 ? -8.469  -2.246  -1.755  1.00 30.87  ? 70  HIS A CB  1 
ATOM   443 C  CG  . HIS A 1 70 ? -9.228  -3.535  -1.677  1.00 42.54  ? 70  HIS A CG  1 
ATOM   444 N  ND1 . HIS A 1 70 ? -10.305 -3.712  -0.837  1.00 39.46  ? 70  HIS A ND1 1 
ATOM   445 C  CD2 . HIS A 1 70 ? -9.100  -4.685  -2.381  1.00 37.60  ? 70  HIS A CD2 1 
ATOM   446 C  CE1 . HIS A 1 70 ? -10.813 -4.921  -1.028  1.00 34.15  ? 70  HIS A CE1 1 
ATOM   447 N  NE2 . HIS A 1 70 ? -10.102 -5.529  -1.958  1.00 39.93  ? 70  HIS A NE2 1 
ATOM   448 N  N   . THR A 1 71 ? -10.752 -0.291  -2.581  1.00 29.44  ? 71  THR A N   1 
ATOM   449 C  CA  . THR A 1 71 ? -12.158 0.057   -2.724  1.00 29.70  ? 71  THR A CA  1 
ATOM   450 C  C   . THR A 1 71 ? -12.428 0.713   -4.082  1.00 36.44  ? 71  THR A C   1 
ATOM   451 O  O   . THR A 1 71 ? -13.454 0.455   -4.735  1.00 34.31  ? 71  THR A O   1 
ATOM   452 C  CB  . THR A 1 71 ? -12.592 1.058   -1.619  1.00 30.96  ? 71  THR A CB  1 
ATOM   453 O  OG1 . THR A 1 71 ? -12.709 0.382   -0.372  1.00 30.22  ? 71  THR A OG1 1 
ATOM   454 C  CG2 . THR A 1 71 ? -13.926 1.676   -1.944  1.00 20.87  ? 71  THR A CG2 1 
ATOM   455 N  N   . LEU A 1 72 ? -11.506 1.581   -4.484  1.00 32.29  ? 72  LEU A N   1 
ATOM   456 C  CA  . LEU A 1 72 ? -11.626 2.299   -5.728  1.00 34.16  ? 72  LEU A CA  1 
ATOM   457 C  C   . LEU A 1 72 ? -11.733 1.326   -6.893  1.00 41.91  ? 72  LEU A C   1 
ATOM   458 O  O   . LEU A 1 72 ? -12.592 1.487   -7.761  1.00 43.96  ? 72  LEU A O   1 
ATOM   459 C  CB  . LEU A 1 72 ? -10.398 3.192   -5.913  1.00 33.27  ? 72  LEU A CB  1 
ATOM   460 C  CG  . LEU A 1 72 ? -10.240 3.966   -7.229  1.00 29.14  ? 72  LEU A CG  1 
ATOM   461 C  CD1 . LEU A 1 72 ? -11.164 5.153   -7.166  1.00 25.01  ? 72  LEU A CD1 1 
ATOM   462 C  CD2 . LEU A 1 72 ? -8.798  4.431   -7.430  1.00 14.61  ? 72  LEU A CD2 1 
ATOM   463 N  N   . LEU A 1 73 ? -10.872 0.309   -6.888  1.00 42.11  ? 73  LEU A N   1 
ATOM   464 C  CA  . LEU A 1 73 ? -10.816 -0.674  -7.965  1.00 43.49  ? 73  LEU A CA  1 
ATOM   465 C  C   . LEU A 1 73 ? -11.779 -1.839  -7.895  1.00 47.29  ? 73  LEU A C   1 
ATOM   466 O  O   . LEU A 1 73 ? -11.766 -2.703  -8.772  1.00 55.83  ? 73  LEU A O   1 
ATOM   467 C  CB  . LEU A 1 73 ? -9.394  -1.221  -8.096  1.00 33.04  ? 73  LEU A CB  1 
ATOM   468 C  CG  . LEU A 1 73 ? -8.336  -0.150  -8.363  1.00 43.74  ? 73  LEU A CG  1 
ATOM   469 C  CD1 . LEU A 1 73 ? -6.971  -0.747  -8.310  1.00 42.22  ? 73  LEU A CD1 1 
ATOM   470 C  CD2 . LEU A 1 73 ? -8.556  0.466   -9.716  1.00 31.11  ? 73  LEU A CD2 1 
ATOM   471 N  N   . LEU A 1 74 ? -12.602 -1.899  -6.862  1.00 53.21  ? 74  LEU A N   1 
ATOM   472 C  CA  . LEU A 1 74 ? -13.546 -2.997  -6.785  1.00 62.53  ? 74  LEU A CA  1 
ATOM   473 C  C   . LEU A 1 74 ? -14.938 -2.573  -7.231  1.00 74.61  ? 74  LEU A C   1 
ATOM   474 O  O   . LEU A 1 74 ? -15.837 -3.402  -7.288  1.00 80.73  ? 74  LEU A O   1 
ATOM   475 C  CB  . LEU A 1 74 ? -13.620 -3.580  -5.353  1.00 68.42  ? 74  LEU A CB  1 
ATOM   476 C  CG  . LEU A 1 74 ? -12.659 -4.721  -4.933  1.00 63.27  ? 74  LEU A CG  1 
ATOM   477 C  CD1 . LEU A 1 74 ? -13.000 -5.077  -3.503  1.00 70.59  ? 74  LEU A CD1 1 
ATOM   478 C  CD2 . LEU A 1 74 ? -12.795 -5.982  -5.783  1.00 62.57  ? 74  LEU A CD2 1 
ATOM   479 N  N   . GLN A 1 75 ? -15.104 -1.296  -7.567  1.00 90.11  ? 75  GLN A N   1 
ATOM   480 C  CA  . GLN A 1 75 ? -16.405 -0.752  -7.926  1.00 103.09 ? 75  GLN A CA  1 
ATOM   481 C  C   . GLN A 1 75 ? -16.998 -1.027  -9.332  1.00 107.83 ? 75  GLN A C   1 
ATOM   482 O  O   . GLN A 1 75 ? -16.371 -1.724  -10.173 1.00 108.14 ? 75  GLN A O   1 
ATOM   483 C  CB  . GLN A 1 75 ? -16.405 0.753   -7.550  1.00 105.99 ? 75  GLN A CB  1 
ATOM   484 C  CG  . GLN A 1 75 ? -17.703 1.178   -6.873  1.00 119.37 ? 75  GLN A CG  1 
ATOM   485 C  CD  . GLN A 1 75 ? -18.496 2.252   -7.602  1.00 131.85 ? 75  GLN A CD  1 
ATOM   486 O  OE1 . GLN A 1 75 ? -18.367 2.461   -8.816  1.00 134.81 ? 75  GLN A OE1 1 
ATOM   487 N  NE2 . GLN A 1 75 ? -19.357 2.923   -6.848  1.00 138.38 ? 75  GLN A NE2 1 
HETATM 488 ZN ZN  . ZN  B 2 .  ? -3.027  3.179   -2.999  1.00 48.12  ? 300 ZN  A ZN  1 
HETATM 489 ZN ZN  . ZN  C 2 .  ? -1.217  2.036   8.317   1.00 51.48  ? 301 ZN  A ZN  1 
HETATM 490 S  S   . SO4 D 3 .  ? 6.302   -4.549  -0.276  1.00 57.26  ? 303 SO4 A S   1 
HETATM 491 O  O1  . SO4 D 3 .  ? 7.300   -3.439  -0.237  1.00 46.32  ? 303 SO4 A O1  1 
HETATM 492 O  O2  . SO4 D 3 .  ? 4.957   -3.965  -0.184  1.00 69.57  ? 303 SO4 A O2  1 
HETATM 493 O  O3  . SO4 D 3 .  ? 6.370   -5.306  -1.532  1.00 61.76  ? 303 SO4 A O3  1 
HETATM 494 O  O4  . SO4 D 3 .  ? 6.460   -5.510  0.842   1.00 65.88  ? 303 SO4 A O4  1 
HETATM 495 O  O   . HOH E 4 .  ? -3.666  -13.290 -4.290  1.00 33.41  ? 304 HOH A O   1 
HETATM 496 O  O   . HOH E 4 .  ? -5.454  -3.043  1.267   1.00 24.99  ? 305 HOH A O   1 
HETATM 497 O  O   . HOH E 4 .  ? 3.818   -2.587  8.549   1.00 30.55  ? 306 HOH A O   1 
HETATM 498 O  O   . HOH E 4 .  ? 5.660   -5.684  -7.476  1.00 30.13  ? 307 HOH A O   1 
HETATM 499 O  O   . HOH E 4 .  ? -1.807  -7.977  -11.541 1.00 44.21  ? 308 HOH A O   1 
HETATM 500 O  O   . HOH E 4 .  ? 4.733   -1.488  -12.959 1.00 28.48  ? 309 HOH A O   1 
HETATM 501 O  O   . HOH E 4 .  ? -5.466  -3.591  4.739   1.00 28.29  ? 310 HOH A O   1 
HETATM 502 O  O   . HOH E 4 .  ? 5.232   -7.921  -5.995  1.00 30.20  ? 311 HOH A O   1 
HETATM 503 O  O   . HOH E 4 .  ? -6.659  5.719   -3.463  1.00 39.33  ? 312 HOH A O   1 
HETATM 504 O  O   . HOH E 4 .  ? -4.324  7.082   -1.613  1.00 39.26  ? 313 HOH A O   1 
HETATM 505 O  O   . HOH E 4 .  ? 11.054  5.254   2.271   1.00 37.67  ? 314 HOH A O   1 
HETATM 506 O  O   . HOH E 4 .  ? 0.744   -6.872  10.338  1.00 34.55  ? 315 HOH A O   1 
HETATM 507 O  O   . HOH E 4 .  ? -5.475  4.214   1.697   1.00 47.06  ? 316 HOH A O   1 
HETATM 508 O  O   . HOH E 4 .  ? -2.183  -7.236  6.259   1.00 47.39  ? 317 HOH A O   1 
HETATM 509 O  O   . HOH E 4 .  ? -1.028  -7.533  1.014   1.00 30.97  ? 318 HOH A O   1 
HETATM 510 O  O   . HOH E 4 .  ? 2.629   -7.108  -3.937  1.00 32.42  ? 319 HOH A O   1 
HETATM 511 O  O   . HOH E 4 .  ? 3.344   7.654   1.274   1.00 39.83  ? 320 HOH A O   1 
HETATM 512 O  O   . HOH E 4 .  ? 3.534   -8.086  -0.410  1.00 40.46  ? 321 HOH A O   1 
HETATM 513 O  O   . HOH E 4 .  ? 8.565   -4.413  2.910   1.00 46.49  ? 322 HOH A O   1 
HETATM 514 O  O   . HOH E 4 .  ? 10.775  -3.129  9.697   1.00 46.37  ? 323 HOH A O   1 
HETATM 515 O  O   . HOH E 4 .  ? -0.871  8.226   -6.356  1.00 46.21  ? 324 HOH A O   1 
HETATM 516 O  O   . HOH E 4 .  ? -11.843 2.125   1.694   1.00 38.21  ? 325 HOH A O   1 
HETATM 517 O  O   . HOH E 4 .  ? 0.973   -2.505  10.603  1.00 42.56  ? 326 HOH A O   1 
HETATM 518 O  O   . HOH E 4 .  ? -5.789  -5.187  7.742   1.00 43.54  ? 327 HOH A O   1 
HETATM 519 O  O   . HOH E 4 .  ? 9.939   -0.928  18.626  1.00 51.31  ? 328 HOH A O   1 
HETATM 520 O  O   . HOH E 4 .  ? 2.814   6.179   15.678  1.00 48.58  ? 329 HOH A O   1 
HETATM 521 O  O   . HOH E 4 .  ? 5.057   -15.138 -6.409  1.00 47.66  ? 330 HOH A O   1 
HETATM 522 O  O   . HOH E 4 .  ? 0.849   -8.856  -0.277  1.00 36.28  ? 331 HOH A O   1 
HETATM 523 O  O   . HOH E 4 .  ? -2.517  -6.571  9.341   1.00 49.64  ? 332 HOH A O   1 
HETATM 524 O  O   . HOH E 4 .  ? 2.151   -4.684  11.622  1.00 37.81  ? 333 HOH A O   1 
HETATM 525 O  O   . HOH E 4 .  ? -7.703  -2.472  7.083   1.00 46.52  ? 334 HOH A O   1 
HETATM 526 O  O   . HOH E 4 .  ? -6.155  8.330   10.675  1.00 56.30  ? 335 HOH A O   1 
HETATM 527 O  O   . HOH E 4 .  ? -5.720  -11.500 -4.959  1.00 44.86  ? 336 HOH A O   1 
HETATM 528 O  O   . HOH E 4 .  ? -1.212  10.759  -4.957  1.00 56.35  ? 337 HOH A O   1 
# 
loop_
_pdbx_poly_seq_scheme.asym_id 
_pdbx_poly_seq_scheme.entity_id 
_pdbx_poly_seq_scheme.seq_id 
_pdbx_poly_seq_scheme.mon_id 
_pdbx_poly_seq_scheme.ndb_seq_num 
_pdbx_poly_seq_scheme.pdb_seq_num 
_pdbx_poly_seq_scheme.auth_seq_num 
_pdbx_poly_seq_scheme.pdb_mon_id 
_pdbx_poly_seq_scheme.auth_mon_id 
_pdbx_poly_seq_scheme.pdb_strand_id 
_pdbx_poly_seq_scheme.pdb_ins_code 
_pdbx_poly_seq_scheme.hetero 
A 1 1  ILE 1  1  ?  ?   ?   A . n 
A 1 2  LYS 2  2  ?  ?   ?   A . n 
A 1 3  GLU 3  3  ?  ?   ?   A . n 
A 1 4  VAL 4  4  ?  ?   ?   A . n 
A 1 5  ASN 5  5  ?  ?   ?   A . n 
A 1 6  GLN 6  6  ?  ?   ?   A . n 
A 1 7  ALA 7  7  ?  ?   ?   A . n 
A 1 8  LEU 8  8  ?  ?   ?   A . n 
A 1 9  LYS 9  9  ?  ?   ?   A . n 
A 1 10 GLY 10 10 ?  ?   ?   A . n 
A 1 11 HIS 11 11 ?  ?   ?   A . n 
A 1 12 ALA 12 12 ?  ?   ?   A . n 
A 1 13 TRP 13 13 ?  ?   ?   A . n 
A 1 14 LEU 14 14 ?  ?   ?   A . n 
A 1 15 LYS 15 15 15 LYS LYS A . n 
A 1 16 ASP 16 16 16 ASP ASP A . n 
A 1 17 ASP 17 17 17 ASP ASP A . n 
A 1 18 GLU 18 18 18 GLU GLU A . n 
A 1 19 ALA 19 19 19 ALA ALA A . n 
A 1 20 THR 20 20 20 THR THR A . n 
A 1 21 HIS 21 21 21 HIS HIS A . n 
A 1 22 CYS 22 22 22 CYS CYS A . n 
A 1 23 ARG 23 23 23 ARG ARG A . n 
A 1 24 GLN 24 24 24 GLN GLN A . n 
A 1 25 CYS 25 25 25 CYS CYS A . n 
A 1 26 GLU 26 26 26 GLU GLU A . n 
A 1 27 LYS 27 27 27 LYS LYS A . n 
A 1 28 GLU 28 28 28 GLU GLU A . n 
A 1 29 PHE 29 29 29 PHE PHE A . n 
A 1 30 SER 30 30 30 SER SER A . n 
A 1 31 ILE 31 31 31 ILE ILE A . n 
A 1 32 SER 32 32 32 SER SER A . n 
A 1 33 ARG 33 33 33 ARG ARG A . n 
A 1 34 ARG 34 34 34 ARG ARG A . n 
A 1 35 LYS 35 35 35 LYS LYS A . n 
A 1 36 HIS 36 36 36 HIS HIS A . n 
A 1 37 HIS 37 37 37 HIS HIS A . n 
A 1 38 CYS 38 38 38 CYS CYS A . n 
A 1 39 ARG 39 39 39 ARG ARG A . n 
A 1 40 ASN 40 40 40 ASN ASN A . n 
A 1 41 CYS 41 41 41 CYS CYS A . n 
A 1 42 GLY 42 42 42 GLY GLY A . n 
A 1 43 HIS 43 43 43 HIS HIS A . n 
A 1 44 ILE 44 44 44 ILE ILE A . n 
A 1 45 PHE 45 45 45 PHE PHE A . n 
A 1 46 CYS 46 46 46 CYS CYS A . n 
A 1 47 ASN 47 47 47 ASN ASN A . n 
A 1 48 THR 48 48 48 THR THR A . n 
A 1 49 CYS 49 49 49 CYS CYS A . n 
A 1 50 SER 50 50 50 SER SER A . n 
A 1 51 SER 51 51 51 SER SER A . n 
A 1 52 ASN 52 52 52 ASN ASN A . n 
A 1 53 GLU 53 53 53 GLU GLU A . n 
A 1 54 LEU 54 54 54 LEU LEU A . n 
A 1 55 ALA 55 55 55 ALA ALA A . n 
A 1 56 LEU 56 56 56 LEU LEU A . n 
A 1 57 PRO 57 57 57 PRO PRO A . n 
A 1 58 SER 58 58 58 SER SER A . n 
A 1 59 TYR 59 59 59 TYR TYR A . n 
A 1 60 PRO 60 60 60 PRO PRO A . n 
A 1 61 LYS 61 61 61 LYS LYS A . n 
A 1 62 PRO 62 62 62 PRO PRO A . n 
A 1 63 VAL 63 63 63 VAL VAL A . n 
A 1 64 ARG 64 64 64 ARG ARG A . n 
A 1 65 VAL 65 65 65 VAL VAL A . n 
A 1 66 CYS 66 66 66 CYS CYS A . n 
A 1 67 ASP 67 67 67 ASP ASP A . n 
A 1 68 SER 68 68 68 SER SER A . n 
A 1 69 CYS 69 69 69 CYS CYS A . n 
A 1 70 HIS 70 70 70 HIS HIS A . n 
A 1 71 THR 71 71 71 THR THR A . n 
A 1 72 LEU 72 72 72 LEU LEU A . n 
A 1 73 LEU 73 73 73 LEU LEU A . n 
A 1 74 LEU 74 74 74 LEU LEU A . n 
A 1 75 GLN 75 75 75 GLN GLN A . n 
A 1 76 ARG 76 76 ?  ?   ?   A . n 
A 1 77 CYS 77 77 ?  ?   ?   A . n 
A 1 78 SER 78 78 ?  ?   ?   A . n 
A 1 79 SER 79 79 ?  ?   ?   A . n 
A 1 80 THR 80 80 ?  ?   ?   A . n 
A 1 81 ALA 81 81 ?  ?   ?   A . n 
A 1 82 SER 82 82 ?  ?   ?   A . n 
# 
_pdbx_SG_project.id                    1 
_pdbx_SG_project.project_name          'NPPSFA, National Project on Protein Structural and Functional Analyses' 
_pdbx_SG_project.full_name_of_center   'RIKEN Structural Genomics/Proteomics Initiative' 
_pdbx_SG_project.initial_of_center     RSGI 
# 
loop_
_pdbx_nonpoly_scheme.asym_id 
_pdbx_nonpoly_scheme.entity_id 
_pdbx_nonpoly_scheme.mon_id 
_pdbx_nonpoly_scheme.ndb_seq_num 
_pdbx_nonpoly_scheme.pdb_seq_num 
_pdbx_nonpoly_scheme.auth_seq_num 
_pdbx_nonpoly_scheme.pdb_mon_id 
_pdbx_nonpoly_scheme.auth_mon_id 
_pdbx_nonpoly_scheme.pdb_strand_id 
_pdbx_nonpoly_scheme.pdb_ins_code 
B 2 ZN  1  300 300 ZN  ZN  A . 
C 2 ZN  1  301 301 ZN  ZN  A . 
D 3 SO4 1  303 303 SO4 SO4 A . 
E 4 HOH 1  304 1   HOH HOH A . 
E 4 HOH 2  305 2   HOH HOH A . 
E 4 HOH 3  306 3   HOH HOH A . 
E 4 HOH 4  307 4   HOH HOH A . 
E 4 HOH 5  308 5   HOH HOH A . 
E 4 HOH 6  309 6   HOH HOH A . 
E 4 HOH 7  310 8   HOH HOH A . 
E 4 HOH 8  311 9   HOH HOH A . 
E 4 HOH 9  312 10  HOH HOH A . 
E 4 HOH 10 313 11  HOH HOH A . 
E 4 HOH 11 314 12  HOH HOH A . 
E 4 HOH 12 315 13  HOH HOH A . 
E 4 HOH 13 316 14  HOH HOH A . 
E 4 HOH 14 317 15  HOH HOH A . 
E 4 HOH 15 318 16  HOH HOH A . 
E 4 HOH 16 319 17  HOH HOH A . 
E 4 HOH 17 320 18  HOH HOH A . 
E 4 HOH 18 321 19  HOH HOH A . 
E 4 HOH 19 322 20  HOH HOH A . 
E 4 HOH 20 323 21  HOH HOH A . 
E 4 HOH 21 324 23  HOH HOH A . 
E 4 HOH 22 325 24  HOH HOH A . 
E 4 HOH 23 326 25  HOH HOH A . 
E 4 HOH 24 327 26  HOH HOH A . 
E 4 HOH 25 328 27  HOH HOH A . 
E 4 HOH 26 329 28  HOH HOH A . 
E 4 HOH 27 330 29  HOH HOH A . 
E 4 HOH 28 331 30  HOH HOH A . 
E 4 HOH 29 332 32  HOH HOH A . 
E 4 HOH 30 333 33  HOH HOH A . 
E 4 HOH 31 334 35  HOH HOH A . 
E 4 HOH 32 335 36  HOH HOH A . 
E 4 HOH 33 336 37  HOH HOH A . 
E 4 HOH 34 337 38  HOH HOH A . 
# 
_pdbx_struct_assembly.id                   1 
_pdbx_struct_assembly.details              author_and_software_defined_assembly 
_pdbx_struct_assembly.method_details       PISA 
_pdbx_struct_assembly.oligomeric_details   monomeric 
_pdbx_struct_assembly.oligomeric_count     1 
# 
_pdbx_struct_assembly_gen.assembly_id       1 
_pdbx_struct_assembly_gen.oper_expression   1 
_pdbx_struct_assembly_gen.asym_id_list      A,B,C,D,E 
# 
_pdbx_struct_oper_list.id                   1 
_pdbx_struct_oper_list.type                 'identity operation' 
_pdbx_struct_oper_list.name                 1_555 
_pdbx_struct_oper_list.symmetry_operation   x,y,z 
_pdbx_struct_oper_list.matrix[1][1]         1.0000000000 
_pdbx_struct_oper_list.matrix[1][2]         0.0000000000 
_pdbx_struct_oper_list.matrix[1][3]         0.0000000000 
_pdbx_struct_oper_list.vector[1]            0.0000000000 
_pdbx_struct_oper_list.matrix[2][1]         0.0000000000 
_pdbx_struct_oper_list.matrix[2][2]         1.0000000000 
_pdbx_struct_oper_list.matrix[2][3]         0.0000000000 
_pdbx_struct_oper_list.vector[2]            0.0000000000 
_pdbx_struct_oper_list.matrix[3][1]         0.0000000000 
_pdbx_struct_oper_list.matrix[3][2]         0.0000000000 
_pdbx_struct_oper_list.matrix[3][3]         1.0000000000 
_pdbx_struct_oper_list.vector[3]            0.0000000000 
# 
loop_
_pdbx_struct_conn_angle.id 
_pdbx_struct_conn_angle.ptnr1_label_atom_id 
_pdbx_struct_conn_angle.ptnr1_label_alt_id 
_pdbx_struct_conn_angle.ptnr1_label_asym_id 
_pdbx_struct_conn_angle.ptnr1_label_comp_id 
_pdbx_struct_conn_angle.ptnr1_label_seq_id 
_pdbx_struct_conn_angle.ptnr1_auth_atom_id 
_pdbx_struct_conn_angle.ptnr1_auth_asym_id 
_pdbx_struct_conn_angle.ptnr1_auth_comp_id 
_pdbx_struct_conn_angle.ptnr1_auth_seq_id 
_pdbx_struct_conn_angle.ptnr1_PDB_ins_code 
_pdbx_struct_conn_angle.ptnr1_symmetry 
_pdbx_struct_conn_angle.ptnr2_label_atom_id 
_pdbx_struct_conn_angle.ptnr2_label_alt_id 
_pdbx_struct_conn_angle.ptnr2_label_asym_id 
_pdbx_struct_conn_angle.ptnr2_label_comp_id 
_pdbx_struct_conn_angle.ptnr2_label_seq_id 
_pdbx_struct_conn_angle.ptnr2_auth_atom_id 
_pdbx_struct_conn_angle.ptnr2_auth_asym_id 
_pdbx_struct_conn_angle.ptnr2_auth_comp_id 
_pdbx_struct_conn_angle.ptnr2_auth_seq_id 
_pdbx_struct_conn_angle.ptnr2_PDB_ins_code 
_pdbx_struct_conn_angle.ptnr2_symmetry 
_pdbx_struct_conn_angle.ptnr3_label_atom_id 
_pdbx_struct_conn_angle.ptnr3_label_alt_id 
_pdbx_struct_conn_angle.ptnr3_label_asym_id 
_pdbx_struct_conn_angle.ptnr3_label_comp_id 
_pdbx_struct_conn_angle.ptnr3_label_seq_id 
_pdbx_struct_conn_angle.ptnr3_auth_atom_id 
_pdbx_struct_conn_angle.ptnr3_auth_asym_id 
_pdbx_struct_conn_angle.ptnr3_auth_comp_id 
_pdbx_struct_conn_angle.ptnr3_auth_seq_id 
_pdbx_struct_conn_angle.ptnr3_PDB_ins_code 
_pdbx_struct_conn_angle.ptnr3_symmetry 
_pdbx_struct_conn_angle.value 
_pdbx_struct_conn_angle.value_esd 
1  SG ? A CYS 22 ? A CYS 22 ? 1_555 ZN ? C ZN . ? A ZN 301 ? 1_555 SG ? A CYS 25 ? A CYS 25 ? 1_555 114.5 ? 
2  SG ? A CYS 22 ? A CYS 22 ? 1_555 ZN ? C ZN . ? A ZN 301 ? 1_555 SG ? A CYS 46 ? A CYS 46 ? 1_555 116.7 ? 
3  SG ? A CYS 25 ? A CYS 25 ? 1_555 ZN ? C ZN . ? A ZN 301 ? 1_555 SG ? A CYS 46 ? A CYS 46 ? 1_555 112.7 ? 
4  SG ? A CYS 22 ? A CYS 22 ? 1_555 ZN ? C ZN . ? A ZN 301 ? 1_555 SG ? A CYS 49 ? A CYS 49 ? 1_555 109.4 ? 
5  SG ? A CYS 25 ? A CYS 25 ? 1_555 ZN ? C ZN . ? A ZN 301 ? 1_555 SG ? A CYS 49 ? A CYS 49 ? 1_555 103.4 ? 
6  SG ? A CYS 46 ? A CYS 46 ? 1_555 ZN ? C ZN . ? A ZN 301 ? 1_555 SG ? A CYS 49 ? A CYS 49 ? 1_555 97.7  ? 
7  SG ? A CYS 38 ? A CYS 38 ? 1_555 ZN ? B ZN . ? A ZN 300 ? 1_555 SG ? A CYS 41 ? A CYS 41 ? 1_555 108.4 ? 
8  SG ? A CYS 38 ? A CYS 38 ? 1_555 ZN ? B ZN . ? A ZN 300 ? 1_555 SG ? A CYS 66 ? A CYS 66 ? 1_555 103.4 ? 
9  SG ? A CYS 41 ? A CYS 41 ? 1_555 ZN ? B ZN . ? A ZN 300 ? 1_555 SG ? A CYS 66 ? A CYS 66 ? 1_555 123.8 ? 
10 SG ? A CYS 38 ? A CYS 38 ? 1_555 ZN ? B ZN . ? A ZN 300 ? 1_555 SG ? A CYS 69 ? A CYS 69 ? 1_555 103.1 ? 
11 SG ? A CYS 41 ? A CYS 41 ? 1_555 ZN ? B ZN . ? A ZN 300 ? 1_555 SG ? A CYS 69 ? A CYS 69 ? 1_555 117.8 ? 
12 SG ? A CYS 66 ? A CYS 66 ? 1_555 ZN ? B ZN . ? A ZN 300 ? 1_555 SG ? A CYS 69 ? A CYS 69 ? 1_555 97.7  ? 
# 
loop_
_pdbx_audit_revision_history.ordinal 
_pdbx_audit_revision_history.data_content_type 
_pdbx_audit_revision_history.major_revision 
_pdbx_audit_revision_history.minor_revision 
_pdbx_audit_revision_history.revision_date 
1 'Structure model' 1 0 2008-04-22 
2 'Structure model' 1 1 2011-07-13 
3 'Structure model' 1 2 2023-10-25 
# 
_pdbx_audit_revision_details.ordinal             1 
_pdbx_audit_revision_details.revision_ordinal    1 
_pdbx_audit_revision_details.data_content_type   'Structure model' 
_pdbx_audit_revision_details.provider            repository 
_pdbx_audit_revision_details.type                'Initial release' 
_pdbx_audit_revision_details.description         ? 
_pdbx_audit_revision_details.details             ? 
# 
loop_
_pdbx_audit_revision_group.ordinal 
_pdbx_audit_revision_group.revision_ordinal 
_pdbx_audit_revision_group.data_content_type 
_pdbx_audit_revision_group.group 
1 2 'Structure model' 'Version format compliance' 
2 3 'Structure model' 'Data collection'           
3 3 'Structure model' 'Database references'       
4 3 'Structure model' 'Derived calculations'      
5 3 'Structure model' 'Refinement description'    
# 
loop_
_pdbx_audit_revision_category.ordinal 
_pdbx_audit_revision_category.revision_ordinal 
_pdbx_audit_revision_category.data_content_type 
_pdbx_audit_revision_category.category 
1 3 'Structure model' chem_comp_atom                
2 3 'Structure model' chem_comp_bond                
3 3 'Structure model' database_2                    
4 3 'Structure model' pdbx_initial_refinement_model 
5 3 'Structure model' pdbx_struct_conn_angle        
6 3 'Structure model' struct_conn                   
7 3 'Structure model' struct_site                   
# 
loop_
_pdbx_audit_revision_item.ordinal 
_pdbx_audit_revision_item.revision_ordinal 
_pdbx_audit_revision_item.data_content_type 
_pdbx_audit_revision_item.item 
1  3 'Structure model' '_database_2.pdbx_DOI'                        
2  3 'Structure model' '_database_2.pdbx_database_accession'         
3  3 'Structure model' '_pdbx_struct_conn_angle.ptnr1_auth_seq_id'   
4  3 'Structure model' '_pdbx_struct_conn_angle.ptnr1_label_seq_id'  
5  3 'Structure model' '_pdbx_struct_conn_angle.ptnr2_auth_seq_id'   
6  3 'Structure model' '_pdbx_struct_conn_angle.ptnr2_label_asym_id' 
7  3 'Structure model' '_pdbx_struct_conn_angle.ptnr3_auth_seq_id'   
8  3 'Structure model' '_pdbx_struct_conn_angle.ptnr3_label_seq_id'  
9  3 'Structure model' '_pdbx_struct_conn_angle.value'               
10 3 'Structure model' '_struct_conn.pdbx_dist_value'                
11 3 'Structure model' '_struct_conn.ptnr1_auth_comp_id'             
12 3 'Structure model' '_struct_conn.ptnr1_auth_seq_id'              
13 3 'Structure model' '_struct_conn.ptnr1_label_asym_id'            
14 3 'Structure model' '_struct_conn.ptnr1_label_atom_id'            
15 3 'Structure model' '_struct_conn.ptnr1_label_comp_id'            
16 3 'Structure model' '_struct_conn.ptnr1_label_seq_id'             
17 3 'Structure model' '_struct_conn.ptnr2_auth_comp_id'             
18 3 'Structure model' '_struct_conn.ptnr2_auth_seq_id'              
19 3 'Structure model' '_struct_conn.ptnr2_label_asym_id'            
20 3 'Structure model' '_struct_conn.ptnr2_label_atom_id'            
21 3 'Structure model' '_struct_conn.ptnr2_label_comp_id'            
22 3 'Structure model' '_struct_conn.ptnr2_label_seq_id'             
23 3 'Structure model' '_struct_site.pdbx_auth_asym_id'              
24 3 'Structure model' '_struct_site.pdbx_auth_comp_id'              
25 3 'Structure model' '_struct_site.pdbx_auth_seq_id'               
# 
loop_
_software.name 
_software.classification 
_software.version 
_software.citation_id 
_software.pdbx_ordinal 
CNS      refinement        1.1 ? 1 
HKL-2000 'data collection' .   ? 2 
HKL-2000 'data reduction'  .   ? 3 
HKL-2000 'data scaling'    .   ? 4 
MOLREP   phasing           .   ? 5 
# 
loop_
_pdbx_validate_torsion.id 
_pdbx_validate_torsion.PDB_model_num 
_pdbx_validate_torsion.auth_comp_id 
_pdbx_validate_torsion.auth_asym_id 
_pdbx_validate_torsion.auth_seq_id 
_pdbx_validate_torsion.PDB_ins_code 
_pdbx_validate_torsion.label_alt_id 
_pdbx_validate_torsion.phi 
_pdbx_validate_torsion.psi 
1 1 GLN A 24 ? ? -86.68 -72.97 
2 1 PRO A 57 ? ? -29.35 -63.81 
# 
loop_
_pdbx_unobs_or_zero_occ_residues.id 
_pdbx_unobs_or_zero_occ_residues.PDB_model_num 
_pdbx_unobs_or_zero_occ_residues.polymer_flag 
_pdbx_unobs_or_zero_occ_residues.occupancy_flag 
_pdbx_unobs_or_zero_occ_residues.auth_asym_id 
_pdbx_unobs_or_zero_occ_residues.auth_comp_id 
_pdbx_unobs_or_zero_occ_residues.auth_seq_id 
_pdbx_unobs_or_zero_occ_residues.PDB_ins_code 
_pdbx_unobs_or_zero_occ_residues.label_asym_id 
_pdbx_unobs_or_zero_occ_residues.label_comp_id 
_pdbx_unobs_or_zero_occ_residues.label_seq_id 
1  1 Y 1 A ILE 1  ? A ILE 1  
2  1 Y 1 A LYS 2  ? A LYS 2  
3  1 Y 1 A GLU 3  ? A GLU 3  
4  1 Y 1 A VAL 4  ? A VAL 4  
5  1 Y 1 A ASN 5  ? A ASN 5  
6  1 Y 1 A GLN 6  ? A GLN 6  
7  1 Y 1 A ALA 7  ? A ALA 7  
8  1 Y 1 A LEU 8  ? A LEU 8  
9  1 Y 1 A LYS 9  ? A LYS 9  
10 1 Y 1 A GLY 10 ? A GLY 10 
11 1 Y 1 A HIS 11 ? A HIS 11 
12 1 Y 1 A ALA 12 ? A ALA 12 
13 1 Y 1 A TRP 13 ? A TRP 13 
14 1 Y 1 A LEU 14 ? A LEU 14 
15 1 Y 1 A ARG 76 ? A ARG 76 
16 1 Y 1 A CYS 77 ? A CYS 77 
17 1 Y 1 A SER 78 ? A SER 78 
18 1 Y 1 A SER 79 ? A SER 79 
19 1 Y 1 A THR 80 ? A THR 80 
20 1 Y 1 A ALA 81 ? A ALA 81 
21 1 Y 1 A SER 82 ? A SER 82 
# 
loop_
_chem_comp_atom.comp_id 
_chem_comp_atom.atom_id 
_chem_comp_atom.type_symbol 
_chem_comp_atom.pdbx_aromatic_flag 
_chem_comp_atom.pdbx_stereo_config 
_chem_comp_atom.pdbx_ordinal 
ALA N    N  N N 1   
ALA CA   C  N S 2   
ALA C    C  N N 3   
ALA O    O  N N 4   
ALA CB   C  N N 5   
ALA OXT  O  N N 6   
ALA H    H  N N 7   
ALA H2   H  N N 8   
ALA HA   H  N N 9   
ALA HB1  H  N N 10  
ALA HB2  H  N N 11  
ALA HB3  H  N N 12  
ALA HXT  H  N N 13  
ARG N    N  N N 14  
ARG CA   C  N S 15  
ARG C    C  N N 16  
ARG O    O  N N 17  
ARG CB   C  N N 18  
ARG CG   C  N N 19  
ARG CD   C  N N 20  
ARG NE   N  N N 21  
ARG CZ   C  N N 22  
ARG NH1  N  N N 23  
ARG NH2  N  N N 24  
ARG OXT  O  N N 25  
ARG H    H  N N 26  
ARG H2   H  N N 27  
ARG HA   H  N N 28  
ARG HB2  H  N N 29  
ARG HB3  H  N N 30  
ARG HG2  H  N N 31  
ARG HG3  H  N N 32  
ARG HD2  H  N N 33  
ARG HD3  H  N N 34  
ARG HE   H  N N 35  
ARG HH11 H  N N 36  
ARG HH12 H  N N 37  
ARG HH21 H  N N 38  
ARG HH22 H  N N 39  
ARG HXT  H  N N 40  
ASN N    N  N N 41  
ASN CA   C  N S 42  
ASN C    C  N N 43  
ASN O    O  N N 44  
ASN CB   C  N N 45  
ASN CG   C  N N 46  
ASN OD1  O  N N 47  
ASN ND2  N  N N 48  
ASN OXT  O  N N 49  
ASN H    H  N N 50  
ASN H2   H  N N 51  
ASN HA   H  N N 52  
ASN HB2  H  N N 53  
ASN HB3  H  N N 54  
ASN HD21 H  N N 55  
ASN HD22 H  N N 56  
ASN HXT  H  N N 57  
ASP N    N  N N 58  
ASP CA   C  N S 59  
ASP C    C  N N 60  
ASP O    O  N N 61  
ASP CB   C  N N 62  
ASP CG   C  N N 63  
ASP OD1  O  N N 64  
ASP OD2  O  N N 65  
ASP OXT  O  N N 66  
ASP H    H  N N 67  
ASP H2   H  N N 68  
ASP HA   H  N N 69  
ASP HB2  H  N N 70  
ASP HB3  H  N N 71  
ASP HD2  H  N N 72  
ASP HXT  H  N N 73  
CYS N    N  N N 74  
CYS CA   C  N R 75  
CYS C    C  N N 76  
CYS O    O  N N 77  
CYS CB   C  N N 78  
CYS SG   S  N N 79  
CYS OXT  O  N N 80  
CYS H    H  N N 81  
CYS H2   H  N N 82  
CYS HA   H  N N 83  
CYS HB2  H  N N 84  
CYS HB3  H  N N 85  
CYS HG   H  N N 86  
CYS HXT  H  N N 87  
GLN N    N  N N 88  
GLN CA   C  N S 89  
GLN C    C  N N 90  
GLN O    O  N N 91  
GLN CB   C  N N 92  
GLN CG   C  N N 93  
GLN CD   C  N N 94  
GLN OE1  O  N N 95  
GLN NE2  N  N N 96  
GLN OXT  O  N N 97  
GLN H    H  N N 98  
GLN H2   H  N N 99  
GLN HA   H  N N 100 
GLN HB2  H  N N 101 
GLN HB3  H  N N 102 
GLN HG2  H  N N 103 
GLN HG3  H  N N 104 
GLN HE21 H  N N 105 
GLN HE22 H  N N 106 
GLN HXT  H  N N 107 
GLU N    N  N N 108 
GLU CA   C  N S 109 
GLU C    C  N N 110 
GLU O    O  N N 111 
GLU CB   C  N N 112 
GLU CG   C  N N 113 
GLU CD   C  N N 114 
GLU OE1  O  N N 115 
GLU OE2  O  N N 116 
GLU OXT  O  N N 117 
GLU H    H  N N 118 
GLU H2   H  N N 119 
GLU HA   H  N N 120 
GLU HB2  H  N N 121 
GLU HB3  H  N N 122 
GLU HG2  H  N N 123 
GLU HG3  H  N N 124 
GLU HE2  H  N N 125 
GLU HXT  H  N N 126 
GLY N    N  N N 127 
GLY CA   C  N N 128 
GLY C    C  N N 129 
GLY O    O  N N 130 
GLY OXT  O  N N 131 
GLY H    H  N N 132 
GLY H2   H  N N 133 
GLY HA2  H  N N 134 
GLY HA3  H  N N 135 
GLY HXT  H  N N 136 
HIS N    N  N N 137 
HIS CA   C  N S 138 
HIS C    C  N N 139 
HIS O    O  N N 140 
HIS CB   C  N N 141 
HIS CG   C  Y N 142 
HIS ND1  N  Y N 143 
HIS CD2  C  Y N 144 
HIS CE1  C  Y N 145 
HIS NE2  N  Y N 146 
HIS OXT  O  N N 147 
HIS H    H  N N 148 
HIS H2   H  N N 149 
HIS HA   H  N N 150 
HIS HB2  H  N N 151 
HIS HB3  H  N N 152 
HIS HD1  H  N N 153 
HIS HD2  H  N N 154 
HIS HE1  H  N N 155 
HIS HE2  H  N N 156 
HIS HXT  H  N N 157 
HOH O    O  N N 158 
HOH H1   H  N N 159 
HOH H2   H  N N 160 
ILE N    N  N N 161 
ILE CA   C  N S 162 
ILE C    C  N N 163 
ILE O    O  N N 164 
ILE CB   C  N S 165 
ILE CG1  C  N N 166 
ILE CG2  C  N N 167 
ILE CD1  C  N N 168 
ILE OXT  O  N N 169 
ILE H    H  N N 170 
ILE H2   H  N N 171 
ILE HA   H  N N 172 
ILE HB   H  N N 173 
ILE HG12 H  N N 174 
ILE HG13 H  N N 175 
ILE HG21 H  N N 176 
ILE HG22 H  N N 177 
ILE HG23 H  N N 178 
ILE HD11 H  N N 179 
ILE HD12 H  N N 180 
ILE HD13 H  N N 181 
ILE HXT  H  N N 182 
LEU N    N  N N 183 
LEU CA   C  N S 184 
LEU C    C  N N 185 
LEU O    O  N N 186 
LEU CB   C  N N 187 
LEU CG   C  N N 188 
LEU CD1  C  N N 189 
LEU CD2  C  N N 190 
LEU OXT  O  N N 191 
LEU H    H  N N 192 
LEU H2   H  N N 193 
LEU HA   H  N N 194 
LEU HB2  H  N N 195 
LEU HB3  H  N N 196 
LEU HG   H  N N 197 
LEU HD11 H  N N 198 
LEU HD12 H  N N 199 
LEU HD13 H  N N 200 
LEU HD21 H  N N 201 
LEU HD22 H  N N 202 
LEU HD23 H  N N 203 
LEU HXT  H  N N 204 
LYS N    N  N N 205 
LYS CA   C  N S 206 
LYS C    C  N N 207 
LYS O    O  N N 208 
LYS CB   C  N N 209 
LYS CG   C  N N 210 
LYS CD   C  N N 211 
LYS CE   C  N N 212 
LYS NZ   N  N N 213 
LYS OXT  O  N N 214 
LYS H    H  N N 215 
LYS H2   H  N N 216 
LYS HA   H  N N 217 
LYS HB2  H  N N 218 
LYS HB3  H  N N 219 
LYS HG2  H  N N 220 
LYS HG3  H  N N 221 
LYS HD2  H  N N 222 
LYS HD3  H  N N 223 
LYS HE2  H  N N 224 
LYS HE3  H  N N 225 
LYS HZ1  H  N N 226 
LYS HZ2  H  N N 227 
LYS HZ3  H  N N 228 
LYS HXT  H  N N 229 
PHE N    N  N N 230 
PHE CA   C  N S 231 
PHE C    C  N N 232 
PHE O    O  N N 233 
PHE CB   C  N N 234 
PHE CG   C  Y N 235 
PHE CD1  C  Y N 236 
PHE CD2  C  Y N 237 
PHE CE1  C  Y N 238 
PHE CE2  C  Y N 239 
PHE CZ   C  Y N 240 
PHE OXT  O  N N 241 
PHE H    H  N N 242 
PHE H2   H  N N 243 
PHE HA   H  N N 244 
PHE HB2  H  N N 245 
PHE HB3  H  N N 246 
PHE HD1  H  N N 247 
PHE HD2  H  N N 248 
PHE HE1  H  N N 249 
PHE HE2  H  N N 250 
PHE HZ   H  N N 251 
PHE HXT  H  N N 252 
PRO N    N  N N 253 
PRO CA   C  N S 254 
PRO C    C  N N 255 
PRO O    O  N N 256 
PRO CB   C  N N 257 
PRO CG   C  N N 258 
PRO CD   C  N N 259 
PRO OXT  O  N N 260 
PRO H    H  N N 261 
PRO HA   H  N N 262 
PRO HB2  H  N N 263 
PRO HB3  H  N N 264 
PRO HG2  H  N N 265 
PRO HG3  H  N N 266 
PRO HD2  H  N N 267 
PRO HD3  H  N N 268 
PRO HXT  H  N N 269 
SER N    N  N N 270 
SER CA   C  N S 271 
SER C    C  N N 272 
SER O    O  N N 273 
SER CB   C  N N 274 
SER OG   O  N N 275 
SER OXT  O  N N 276 
SER H    H  N N 277 
SER H2   H  N N 278 
SER HA   H  N N 279 
SER HB2  H  N N 280 
SER HB3  H  N N 281 
SER HG   H  N N 282 
SER HXT  H  N N 283 
SO4 S    S  N N 284 
SO4 O1   O  N N 285 
SO4 O2   O  N N 286 
SO4 O3   O  N N 287 
SO4 O4   O  N N 288 
THR N    N  N N 289 
THR CA   C  N S 290 
THR C    C  N N 291 
THR O    O  N N 292 
THR CB   C  N R 293 
THR OG1  O  N N 294 
THR CG2  C  N N 295 
THR OXT  O  N N 296 
THR H    H  N N 297 
THR H2   H  N N 298 
THR HA   H  N N 299 
THR HB   H  N N 300 
THR HG1  H  N N 301 
THR HG21 H  N N 302 
THR HG22 H  N N 303 
THR HG23 H  N N 304 
THR HXT  H  N N 305 
TRP N    N  N N 306 
TRP CA   C  N S 307 
TRP C    C  N N 308 
TRP O    O  N N 309 
TRP CB   C  N N 310 
TRP CG   C  Y N 311 
TRP CD1  C  Y N 312 
TRP CD2  C  Y N 313 
TRP NE1  N  Y N 314 
TRP CE2  C  Y N 315 
TRP CE3  C  Y N 316 
TRP CZ2  C  Y N 317 
TRP CZ3  C  Y N 318 
TRP CH2  C  Y N 319 
TRP OXT  O  N N 320 
TRP H    H  N N 321 
TRP H2   H  N N 322 
TRP HA   H  N N 323 
TRP HB2  H  N N 324 
TRP HB3  H  N N 325 
TRP HD1  H  N N 326 
TRP HE1  H  N N 327 
TRP HE3  H  N N 328 
TRP HZ2  H  N N 329 
TRP HZ3  H  N N 330 
TRP HH2  H  N N 331 
TRP HXT  H  N N 332 
TYR N    N  N N 333 
TYR CA   C  N S 334 
TYR C    C  N N 335 
TYR O    O  N N 336 
TYR CB   C  N N 337 
TYR CG   C  Y N 338 
TYR CD1  C  Y N 339 
TYR CD2  C  Y N 340 
TYR CE1  C  Y N 341 
TYR CE2  C  Y N 342 
TYR CZ   C  Y N 343 
TYR OH   O  N N 344 
TYR OXT  O  N N 345 
TYR H    H  N N 346 
TYR H2   H  N N 347 
TYR HA   H  N N 348 
TYR HB2  H  N N 349 
TYR HB3  H  N N 350 
TYR HD1  H  N N 351 
TYR HD2  H  N N 352 
TYR HE1  H  N N 353 
TYR HE2  H  N N 354 
TYR HH   H  N N 355 
TYR HXT  H  N N 356 
VAL N    N  N N 357 
VAL CA   C  N S 358 
VAL C    C  N N 359 
VAL O    O  N N 360 
VAL CB   C  N N 361 
VAL CG1  C  N N 362 
VAL CG2  C  N N 363 
VAL OXT  O  N N 364 
VAL H    H  N N 365 
VAL H2   H  N N 366 
VAL HA   H  N N 367 
VAL HB   H  N N 368 
VAL HG11 H  N N 369 
VAL HG12 H  N N 370 
VAL HG13 H  N N 371 
VAL HG21 H  N N 372 
VAL HG22 H  N N 373 
VAL HG23 H  N N 374 
VAL HXT  H  N N 375 
ZN  ZN   ZN N N 376 
# 
loop_
_chem_comp_bond.comp_id 
_chem_comp_bond.atom_id_1 
_chem_comp_bond.atom_id_2 
_chem_comp_bond.value_order 
_chem_comp_bond.pdbx_aromatic_flag 
_chem_comp_bond.pdbx_stereo_config 
_chem_comp_bond.pdbx_ordinal 
ALA N   CA   sing N N 1   
ALA N   H    sing N N 2   
ALA N   H2   sing N N 3   
ALA CA  C    sing N N 4   
ALA CA  CB   sing N N 5   
ALA CA  HA   sing N N 6   
ALA C   O    doub N N 7   
ALA C   OXT  sing N N 8   
ALA CB  HB1  sing N N 9   
ALA CB  HB2  sing N N 10  
ALA CB  HB3  sing N N 11  
ALA OXT HXT  sing N N 12  
ARG N   CA   sing N N 13  
ARG N   H    sing N N 14  
ARG N   H2   sing N N 15  
ARG CA  C    sing N N 16  
ARG CA  CB   sing N N 17  
ARG CA  HA   sing N N 18  
ARG C   O    doub N N 19  
ARG C   OXT  sing N N 20  
ARG CB  CG   sing N N 21  
ARG CB  HB2  sing N N 22  
ARG CB  HB3  sing N N 23  
ARG CG  CD   sing N N 24  
ARG CG  HG2  sing N N 25  
ARG CG  HG3  sing N N 26  
ARG CD  NE   sing N N 27  
ARG CD  HD2  sing N N 28  
ARG CD  HD3  sing N N 29  
ARG NE  CZ   sing N N 30  
ARG NE  HE   sing N N 31  
ARG CZ  NH1  sing N N 32  
ARG CZ  NH2  doub N N 33  
ARG NH1 HH11 sing N N 34  
ARG NH1 HH12 sing N N 35  
ARG NH2 HH21 sing N N 36  
ARG NH2 HH22 sing N N 37  
ARG OXT HXT  sing N N 38  
ASN N   CA   sing N N 39  
ASN N   H    sing N N 40  
ASN N   H2   sing N N 41  
ASN CA  C    sing N N 42  
ASN CA  CB   sing N N 43  
ASN CA  HA   sing N N 44  
ASN C   O    doub N N 45  
ASN C   OXT  sing N N 46  
ASN CB  CG   sing N N 47  
ASN CB  HB2  sing N N 48  
ASN CB  HB3  sing N N 49  
ASN CG  OD1  doub N N 50  
ASN CG  ND2  sing N N 51  
ASN ND2 HD21 sing N N 52  
ASN ND2 HD22 sing N N 53  
ASN OXT HXT  sing N N 54  
ASP N   CA   sing N N 55  
ASP N   H    sing N N 56  
ASP N   H2   sing N N 57  
ASP CA  C    sing N N 58  
ASP CA  CB   sing N N 59  
ASP CA  HA   sing N N 60  
ASP C   O    doub N N 61  
ASP C   OXT  sing N N 62  
ASP CB  CG   sing N N 63  
ASP CB  HB2  sing N N 64  
ASP CB  HB3  sing N N 65  
ASP CG  OD1  doub N N 66  
ASP CG  OD2  sing N N 67  
ASP OD2 HD2  sing N N 68  
ASP OXT HXT  sing N N 69  
CYS N   CA   sing N N 70  
CYS N   H    sing N N 71  
CYS N   H2   sing N N 72  
CYS CA  C    sing N N 73  
CYS CA  CB   sing N N 74  
CYS CA  HA   sing N N 75  
CYS C   O    doub N N 76  
CYS C   OXT  sing N N 77  
CYS CB  SG   sing N N 78  
CYS CB  HB2  sing N N 79  
CYS CB  HB3  sing N N 80  
CYS SG  HG   sing N N 81  
CYS OXT HXT  sing N N 82  
GLN N   CA   sing N N 83  
GLN N   H    sing N N 84  
GLN N   H2   sing N N 85  
GLN CA  C    sing N N 86  
GLN CA  CB   sing N N 87  
GLN CA  HA   sing N N 88  
GLN C   O    doub N N 89  
GLN C   OXT  sing N N 90  
GLN CB  CG   sing N N 91  
GLN CB  HB2  sing N N 92  
GLN CB  HB3  sing N N 93  
GLN CG  CD   sing N N 94  
GLN CG  HG2  sing N N 95  
GLN CG  HG3  sing N N 96  
GLN CD  OE1  doub N N 97  
GLN CD  NE2  sing N N 98  
GLN NE2 HE21 sing N N 99  
GLN NE2 HE22 sing N N 100 
GLN OXT HXT  sing N N 101 
GLU N   CA   sing N N 102 
GLU N   H    sing N N 103 
GLU N   H2   sing N N 104 
GLU CA  C    sing N N 105 
GLU CA  CB   sing N N 106 
GLU CA  HA   sing N N 107 
GLU C   O    doub N N 108 
GLU C   OXT  sing N N 109 
GLU CB  CG   sing N N 110 
GLU CB  HB2  sing N N 111 
GLU CB  HB3  sing N N 112 
GLU CG  CD   sing N N 113 
GLU CG  HG2  sing N N 114 
GLU CG  HG3  sing N N 115 
GLU CD  OE1  doub N N 116 
GLU CD  OE2  sing N N 117 
GLU OE2 HE2  sing N N 118 
GLU OXT HXT  sing N N 119 
GLY N   CA   sing N N 120 
GLY N   H    sing N N 121 
GLY N   H2   sing N N 122 
GLY CA  C    sing N N 123 
GLY CA  HA2  sing N N 124 
GLY CA  HA3  sing N N 125 
GLY C   O    doub N N 126 
GLY C   OXT  sing N N 127 
GLY OXT HXT  sing N N 128 
HIS N   CA   sing N N 129 
HIS N   H    sing N N 130 
HIS N   H2   sing N N 131 
HIS CA  C    sing N N 132 
HIS CA  CB   sing N N 133 
HIS CA  HA   sing N N 134 
HIS C   O    doub N N 135 
HIS C   OXT  sing N N 136 
HIS CB  CG   sing N N 137 
HIS CB  HB2  sing N N 138 
HIS CB  HB3  sing N N 139 
HIS CG  ND1  sing Y N 140 
HIS CG  CD2  doub Y N 141 
HIS ND1 CE1  doub Y N 142 
HIS ND1 HD1  sing N N 143 
HIS CD2 NE2  sing Y N 144 
HIS CD2 HD2  sing N N 145 
HIS CE1 NE2  sing Y N 146 
HIS CE1 HE1  sing N N 147 
HIS NE2 HE2  sing N N 148 
HIS OXT HXT  sing N N 149 
HOH O   H1   sing N N 150 
HOH O   H2   sing N N 151 
ILE N   CA   sing N N 152 
ILE N   H    sing N N 153 
ILE N   H2   sing N N 154 
ILE CA  C    sing N N 155 
ILE CA  CB   sing N N 156 
ILE CA  HA   sing N N 157 
ILE C   O    doub N N 158 
ILE C   OXT  sing N N 159 
ILE CB  CG1  sing N N 160 
ILE CB  CG2  sing N N 161 
ILE CB  HB   sing N N 162 
ILE CG1 CD1  sing N N 163 
ILE CG1 HG12 sing N N 164 
ILE CG1 HG13 sing N N 165 
ILE CG2 HG21 sing N N 166 
ILE CG2 HG22 sing N N 167 
ILE CG2 HG23 sing N N 168 
ILE CD1 HD11 sing N N 169 
ILE CD1 HD12 sing N N 170 
ILE CD1 HD13 sing N N 171 
ILE OXT HXT  sing N N 172 
LEU N   CA   sing N N 173 
LEU N   H    sing N N 174 
LEU N   H2   sing N N 175 
LEU CA  C    sing N N 176 
LEU CA  CB   sing N N 177 
LEU CA  HA   sing N N 178 
LEU C   O    doub N N 179 
LEU C   OXT  sing N N 180 
LEU CB  CG   sing N N 181 
LEU CB  HB2  sing N N 182 
LEU CB  HB3  sing N N 183 
LEU CG  CD1  sing N N 184 
LEU CG  CD2  sing N N 185 
LEU CG  HG   sing N N 186 
LEU CD1 HD11 sing N N 187 
LEU CD1 HD12 sing N N 188 
LEU CD1 HD13 sing N N 189 
LEU CD2 HD21 sing N N 190 
LEU CD2 HD22 sing N N 191 
LEU CD2 HD23 sing N N 192 
LEU OXT HXT  sing N N 193 
LYS N   CA   sing N N 194 
LYS N   H    sing N N 195 
LYS N   H2   sing N N 196 
LYS CA  C    sing N N 197 
LYS CA  CB   sing N N 198 
LYS CA  HA   sing N N 199 
LYS C   O    doub N N 200 
LYS C   OXT  sing N N 201 
LYS CB  CG   sing N N 202 
LYS CB  HB2  sing N N 203 
LYS CB  HB3  sing N N 204 
LYS CG  CD   sing N N 205 
LYS CG  HG2  sing N N 206 
LYS CG  HG3  sing N N 207 
LYS CD  CE   sing N N 208 
LYS CD  HD2  sing N N 209 
LYS CD  HD3  sing N N 210 
LYS CE  NZ   sing N N 211 
LYS CE  HE2  sing N N 212 
LYS CE  HE3  sing N N 213 
LYS NZ  HZ1  sing N N 214 
LYS NZ  HZ2  sing N N 215 
LYS NZ  HZ3  sing N N 216 
LYS OXT HXT  sing N N 217 
PHE N   CA   sing N N 218 
PHE N   H    sing N N 219 
PHE N   H2   sing N N 220 
PHE CA  C    sing N N 221 
PHE CA  CB   sing N N 222 
PHE CA  HA   sing N N 223 
PHE C   O    doub N N 224 
PHE C   OXT  sing N N 225 
PHE CB  CG   sing N N 226 
PHE CB  HB2  sing N N 227 
PHE CB  HB3  sing N N 228 
PHE CG  CD1  doub Y N 229 
PHE CG  CD2  sing Y N 230 
PHE CD1 CE1  sing Y N 231 
PHE CD1 HD1  sing N N 232 
PHE CD2 CE2  doub Y N 233 
PHE CD2 HD2  sing N N 234 
PHE CE1 CZ   doub Y N 235 
PHE CE1 HE1  sing N N 236 
PHE CE2 CZ   sing Y N 237 
PHE CE2 HE2  sing N N 238 
PHE CZ  HZ   sing N N 239 
PHE OXT HXT  sing N N 240 
PRO N   CA   sing N N 241 
PRO N   CD   sing N N 242 
PRO N   H    sing N N 243 
PRO CA  C    sing N N 244 
PRO CA  CB   sing N N 245 
PRO CA  HA   sing N N 246 
PRO C   O    doub N N 247 
PRO C   OXT  sing N N 248 
PRO CB  CG   sing N N 249 
PRO CB  HB2  sing N N 250 
PRO CB  HB3  sing N N 251 
PRO CG  CD   sing N N 252 
PRO CG  HG2  sing N N 253 
PRO CG  HG3  sing N N 254 
PRO CD  HD2  sing N N 255 
PRO CD  HD3  sing N N 256 
PRO OXT HXT  sing N N 257 
SER N   CA   sing N N 258 
SER N   H    sing N N 259 
SER N   H2   sing N N 260 
SER CA  C    sing N N 261 
SER CA  CB   sing N N 262 
SER CA  HA   sing N N 263 
SER C   O    doub N N 264 
SER C   OXT  sing N N 265 
SER CB  OG   sing N N 266 
SER CB  HB2  sing N N 267 
SER CB  HB3  sing N N 268 
SER OG  HG   sing N N 269 
SER OXT HXT  sing N N 270 
SO4 S   O1   doub N N 271 
SO4 S   O2   doub N N 272 
SO4 S   O3   sing N N 273 
SO4 S   O4   sing N N 274 
THR N   CA   sing N N 275 
THR N   H    sing N N 276 
THR N   H2   sing N N 277 
THR CA  C    sing N N 278 
THR CA  CB   sing N N 279 
THR CA  HA   sing N N 280 
THR C   O    doub N N 281 
THR C   OXT  sing N N 282 
THR CB  OG1  sing N N 283 
THR CB  CG2  sing N N 284 
THR CB  HB   sing N N 285 
THR OG1 HG1  sing N N 286 
THR CG2 HG21 sing N N 287 
THR CG2 HG22 sing N N 288 
THR CG2 HG23 sing N N 289 
THR OXT HXT  sing N N 290 
TRP N   CA   sing N N 291 
TRP N   H    sing N N 292 
TRP N   H2   sing N N 293 
TRP CA  C    sing N N 294 
TRP CA  CB   sing N N 295 
TRP CA  HA   sing N N 296 
TRP C   O    doub N N 297 
TRP C   OXT  sing N N 298 
TRP CB  CG   sing N N 299 
TRP CB  HB2  sing N N 300 
TRP CB  HB3  sing N N 301 
TRP CG  CD1  doub Y N 302 
TRP CG  CD2  sing Y N 303 
TRP CD1 NE1  sing Y N 304 
TRP CD1 HD1  sing N N 305 
TRP CD2 CE2  doub Y N 306 
TRP CD2 CE3  sing Y N 307 
TRP NE1 CE2  sing Y N 308 
TRP NE1 HE1  sing N N 309 
TRP CE2 CZ2  sing Y N 310 
TRP CE3 CZ3  doub Y N 311 
TRP CE3 HE3  sing N N 312 
TRP CZ2 CH2  doub Y N 313 
TRP CZ2 HZ2  sing N N 314 
TRP CZ3 CH2  sing Y N 315 
TRP CZ3 HZ3  sing N N 316 
TRP CH2 HH2  sing N N 317 
TRP OXT HXT  sing N N 318 
TYR N   CA   sing N N 319 
TYR N   H    sing N N 320 
TYR N   H2   sing N N 321 
TYR CA  C    sing N N 322 
TYR CA  CB   sing N N 323 
TYR CA  HA   sing N N 324 
TYR C   O    doub N N 325 
TYR C   OXT  sing N N 326 
TYR CB  CG   sing N N 327 
TYR CB  HB2  sing N N 328 
TYR CB  HB3  sing N N 329 
TYR CG  CD1  doub Y N 330 
TYR CG  CD2  sing Y N 331 
TYR CD1 CE1  sing Y N 332 
TYR CD1 HD1  sing N N 333 
TYR CD2 CE2  doub Y N 334 
TYR CD2 HD2  sing N N 335 
TYR CE1 CZ   doub Y N 336 
TYR CE1 HE1  sing N N 337 
TYR CE2 CZ   sing Y N 338 
TYR CE2 HE2  sing N N 339 
TYR CZ  OH   sing N N 340 
TYR OH  HH   sing N N 341 
TYR OXT HXT  sing N N 342 
VAL N   CA   sing N N 343 
VAL N   H    sing N N 344 
VAL N   H2   sing N N 345 
VAL CA  C    sing N N 346 
VAL CA  CB   sing N N 347 
VAL CA  HA   sing N N 348 
VAL C   O    doub N N 349 
VAL C   OXT  sing N N 350 
VAL CB  CG1  sing N N 351 
VAL CB  CG2  sing N N 352 
VAL CB  HB   sing N N 353 
VAL CG1 HG11 sing N N 354 
VAL CG1 HG12 sing N N 355 
VAL CG1 HG13 sing N N 356 
VAL CG2 HG21 sing N N 357 
VAL CG2 HG22 sing N N 358 
VAL CG2 HG23 sing N N 359 
VAL OXT HXT  sing N N 360 
# 
loop_
_pdbx_entity_nonpoly.entity_id 
_pdbx_entity_nonpoly.name 
_pdbx_entity_nonpoly.comp_id 
2 'ZINC ION'    ZN  
3 'SULFATE ION' SO4 
4 water         HOH 
# 
_pdbx_initial_refinement_model.id               1 
_pdbx_initial_refinement_model.entity_id_list   ? 
_pdbx_initial_refinement_model.type             'experimental model' 
_pdbx_initial_refinement_model.source_name      PDB 
_pdbx_initial_refinement_model.accession_code   1VFY 
_pdbx_initial_refinement_model.details          'PDB ENTRY 1VFY' 
# 
